data_5YJ6
#
_entry.id   5YJ6
#
_cell.length_a   96.003
_cell.length_b   101.065
_cell.length_c   58.975
_cell.angle_alpha   90.000
_cell.angle_beta   90.000
_cell.angle_gamma   90.000
#
_symmetry.space_group_name_H-M   'P 21 21 2'
#
loop_
_entity.id
_entity.type
_entity.pdbx_description
1 polymer 'Dockerin type I repeat-containing protein'
2 non-polymer 3,6,9,12,15,18,21,24,27,30,33,36-dodecaoxaoctatriacontane-1,38-diol
3 water water
#
_entity_poly.entity_id   1
_entity_poly.type   'polypeptide(L)'
_entity_poly.pdbx_seq_one_letter_code
;GPTKAPTKDGTSYKDLFLELYGKIKDPKNGYFSPDEGIPYHSIETLIVEAPDYGHVTTSEAFSYYVWLEAMYGNLTGNWS
GVETAWKVMEDWIIPDSTEQPGMSSYNPNSPATYADEYEDPSYYPSELKFDTVRVGSDPVHNDLVSAYGPNMYLMHWLMD
VDNWYGFGTGTQATFINTFQRGEQESTWETIPHPSIEEFKYGGPNGFLDLFTKDRSYARQWRYTNAPDAEGRAIQAVYWA
NKWAKEQGKGSAVASVVSKAAKMGDFLRNDMFDKYFMKIGAQDKTPATGYDSAHYLMAWYTSWGGGIGASWAWKIGCSHA
HFGYQNPFQGWVSATQSDFAPKSSNGKRDWTTSYKRQLEFYQWLQSAEGAIAGGATNSWNGRYEKYPAGTSTFYGMAYVP
HPVYADPGSNQWFGFQAWSMQRVMEYYLETGDSSVKNLIKKWVDWVMSEIKLYDDGTFAIPSDLEWSGQPDTWTGTYTGN
PNLHVRVTSYGTDLGVAGSLANALATYAAATERWEGKLDTKARDMAAELVNRAWYNFYCSEGKGVVTEEARADYKRFFEQ
EVYVPAGWSGTMPNGDKIQPGIKFIDIRTKYRQDPYYDIVYQAYLRGEAPVLNYHRFWHEVDLAVAMGVLATYFPDGGGG
GRPHHHHHHHHHHHH
;
_entity_poly.pdbx_strand_id   A
#
loop_
_chem_comp.id
_chem_comp.type
_chem_comp.name
_chem_comp.formula
33O non-polymer 3,6,9,12,15,18,21,24,27,30,33,36-dodecaoxaoctatriacontane-1,38-diol 'C26 H54 O14'
#
# COMPACT_ATOMS: atom_id res chain seq x y z
N GLY A 1 -6.02 -22.35 16.25
CA GLY A 1 -6.95 -21.85 15.26
C GLY A 1 -7.99 -20.92 15.87
N PRO A 2 -8.96 -20.49 15.05
CA PRO A 2 -9.97 -19.53 15.53
C PRO A 2 -10.99 -20.22 16.42
N THR A 3 -11.32 -19.57 17.53
CA THR A 3 -12.27 -20.12 18.49
C THR A 3 -13.10 -18.98 19.04
N LYS A 4 -14.14 -19.32 19.80
CA LYS A 4 -14.92 -18.29 20.47
C LYS A 4 -14.09 -17.64 21.57
N ALA A 5 -14.06 -16.31 21.58
CA ALA A 5 -13.28 -15.59 22.59
C ALA A 5 -13.83 -15.90 23.98
N PRO A 6 -12.94 -16.09 24.97
CA PRO A 6 -13.38 -16.28 26.35
C PRO A 6 -13.74 -14.97 27.05
N THR A 7 -13.44 -13.85 26.40
CA THR A 7 -13.63 -12.52 26.95
C THR A 7 -15.02 -12.31 27.53
N LYS A 8 -15.07 -11.76 28.74
CA LYS A 8 -16.33 -11.49 29.39
C LYS A 8 -17.12 -10.51 28.55
N ASP A 9 -18.41 -10.74 28.43
CA ASP A 9 -19.28 -9.86 27.67
C ASP A 9 -19.27 -8.47 28.34
N GLY A 10 -19.21 -7.43 27.51
CA GLY A 10 -19.25 -6.06 28.01
C GLY A 10 -17.87 -5.48 28.26
N THR A 11 -16.83 -6.21 27.83
CA THR A 11 -15.47 -5.73 27.98
C THR A 11 -15.29 -4.46 27.14
N SER A 12 -14.67 -3.44 27.72
CA SER A 12 -14.52 -2.16 27.02
C SER A 12 -13.58 -2.27 25.83
N TYR A 13 -13.78 -1.38 24.86
CA TYR A 13 -12.91 -1.37 23.69
C TYR A 13 -11.49 -1.02 24.04
N LYS A 14 -11.30 -0.16 25.04
CA LYS A 14 -9.96 0.09 25.53
C LYS A 14 -9.29 -1.19 26.04
N ASP A 15 -10.03 -1.97 26.82
CA ASP A 15 -9.47 -3.21 27.35
C ASP A 15 -9.19 -4.23 26.23
N LEU A 16 -10.04 -4.26 25.22
CA LEU A 16 -9.81 -5.13 24.07
C LEU A 16 -8.56 -4.69 23.33
N PHE A 17 -8.45 -3.39 23.08
CA PHE A 17 -7.24 -2.85 22.45
C PHE A 17 -5.98 -3.28 23.20
N LEU A 18 -5.97 -3.08 24.51
CA LEU A 18 -4.75 -3.32 25.25
C LEU A 18 -4.41 -4.81 25.30
N GLU A 19 -5.42 -5.69 25.30
CA GLU A 19 -5.15 -7.12 25.23
C GLU A 19 -4.52 -7.48 23.88
N LEU A 20 -5.15 -7.03 22.82
CA LEU A 20 -4.66 -7.33 21.48
C LEU A 20 -3.28 -6.69 21.23
N TYR A 21 -3.10 -5.45 21.64
CA TYR A 21 -1.79 -4.81 21.58
C TYR A 21 -0.73 -5.67 22.25
N GLY A 22 -1.02 -6.15 23.45
CA GLY A 22 -0.06 -6.96 24.19
C GLY A 22 0.33 -8.23 23.44
N LYS A 23 -0.64 -8.86 22.80
CA LYS A 23 -0.37 -10.07 22.03
C LYS A 23 0.43 -9.79 20.77
N ILE A 24 0.21 -8.63 20.15
CA ILE A 24 0.97 -8.28 18.95
C ILE A 24 2.44 -8.06 19.31
N LYS A 25 2.66 -7.44 20.47
CA LYS A 25 3.99 -7.03 20.88
C LYS A 25 4.81 -8.12 21.59
N ASP A 26 4.13 -9.15 22.08
CA ASP A 26 4.77 -10.20 22.85
C ASP A 26 5.79 -10.93 21.98
N PRO A 27 7.09 -10.87 22.33
CA PRO A 27 8.10 -11.46 21.44
C PRO A 27 7.88 -12.95 21.17
N LYS A 28 7.29 -13.66 22.13
CA LYS A 28 7.03 -15.09 21.97
C LYS A 28 6.08 -15.38 20.83
N ASN A 29 5.25 -14.41 20.45
CA ASN A 29 4.29 -14.63 19.37
C ASN A 29 4.87 -14.49 17.97
N GLY A 30 6.00 -13.80 17.83
CA GLY A 30 6.73 -13.80 16.58
C GLY A 30 6.23 -12.92 15.44
N TYR A 31 5.55 -11.83 15.78
CA TYR A 31 5.14 -10.88 14.74
C TYR A 31 6.31 -10.06 14.19
N PHE A 32 7.37 -9.94 14.98
CA PHE A 32 8.52 -9.09 14.63
C PHE A 32 9.81 -9.90 14.57
N SER A 33 10.73 -9.49 13.71
CA SER A 33 12.00 -10.23 13.61
C SER A 33 12.80 -10.10 14.92
N PRO A 34 13.40 -11.20 15.37
CA PRO A 34 14.17 -11.14 16.60
C PRO A 34 15.36 -10.19 16.53
N ASP A 35 15.96 -10.07 15.35
N ASP A 35 15.99 -10.13 15.36
CA ASP A 35 17.20 -9.30 15.19
CA ASP A 35 17.16 -9.28 15.16
C ASP A 35 16.99 -7.80 14.98
C ASP A 35 16.76 -7.81 15.16
N GLU A 36 16.05 -7.43 14.11
CA GLU A 36 15.78 -6.02 13.83
C GLU A 36 14.53 -5.45 14.49
N GLY A 37 13.60 -6.30 14.91
CA GLY A 37 12.31 -5.84 15.37
C GLY A 37 11.40 -5.31 14.27
N ILE A 38 11.61 -5.81 13.05
CA ILE A 38 10.81 -5.44 11.89
C ILE A 38 9.54 -6.29 11.84
N PRO A 39 8.37 -5.68 11.64
CA PRO A 39 7.14 -6.47 11.53
C PRO A 39 7.14 -7.29 10.24
N TYR A 40 6.94 -8.60 10.36
CA TYR A 40 6.77 -9.48 9.20
C TYR A 40 5.40 -9.26 8.57
N HIS A 41 5.21 -9.73 7.34
CA HIS A 41 3.88 -9.73 6.76
C HIS A 41 2.93 -10.51 7.65
N SER A 42 3.40 -11.66 8.11
CA SER A 42 2.59 -12.54 8.95
C SER A 42 3.49 -13.41 9.82
N ILE A 43 2.95 -13.96 10.90
CA ILE A 43 3.71 -14.91 11.69
C ILE A 43 4.13 -16.08 10.80
N GLU A 44 3.18 -16.57 10.02
CA GLU A 44 3.40 -17.75 9.20
C GLU A 44 4.28 -17.42 8.00
N THR A 45 5.09 -18.38 7.57
CA THR A 45 5.98 -18.15 6.45
C THR A 45 5.39 -18.51 5.09
N LEU A 46 4.59 -19.57 5.00
CA LEU A 46 4.02 -19.97 3.72
C LEU A 46 2.73 -19.19 3.49
N ILE A 47 2.86 -18.13 2.71
CA ILE A 47 1.74 -17.26 2.35
C ILE A 47 2.16 -16.51 1.11
N VAL A 48 1.24 -16.37 0.17
CA VAL A 48 1.54 -15.72 -1.11
C VAL A 48 0.48 -14.67 -1.42
N GLU A 49 0.86 -13.40 -1.27
CA GLU A 49 -0.03 -12.27 -1.47
C GLU A 49 0.79 -11.20 -2.18
N ALA A 50 0.81 -9.97 -1.68
CA ALA A 50 1.72 -9.00 -2.29
C ALA A 50 3.16 -9.45 -2.10
N PRO A 51 3.58 -9.72 -0.85
CA PRO A 51 4.81 -10.51 -0.69
C PRO A 51 4.55 -11.99 -0.96
N ASP A 52 5.58 -12.72 -1.38
CA ASP A 52 5.39 -14.12 -1.75
C ASP A 52 6.00 -15.08 -0.71
N TYR A 53 6.31 -14.53 0.46
CA TYR A 53 6.80 -15.26 1.62
C TYR A 53 6.44 -14.43 2.85
N GLY A 54 6.02 -15.09 3.93
CA GLY A 54 5.45 -14.37 5.05
C GLY A 54 6.41 -13.55 5.86
N HIS A 55 7.70 -13.85 5.76
CA HIS A 55 8.71 -13.07 6.45
C HIS A 55 9.44 -12.15 5.49
N VAL A 56 8.89 -12.01 4.28
CA VAL A 56 9.12 -10.82 3.48
C VAL A 56 8.08 -9.85 4.01
N THR A 57 8.40 -8.56 4.07
CA THR A 57 7.44 -7.57 4.53
C THR A 57 7.43 -6.40 3.61
N THR A 58 6.55 -5.46 3.92
CA THR A 58 6.31 -4.32 3.07
C THR A 58 6.39 -3.02 3.85
N SER A 59 6.57 -1.92 3.14
CA SER A 59 6.49 -0.65 3.80
C SER A 59 5.12 -0.47 4.48
N GLU A 60 4.09 -1.14 3.96
CA GLU A 60 2.76 -1.10 4.59
C GLU A 60 2.85 -1.54 6.05
N ALA A 61 3.50 -2.67 6.28
CA ALA A 61 3.63 -3.21 7.63
C ALA A 61 4.32 -2.22 8.55
N PHE A 62 5.37 -1.56 8.07
CA PHE A 62 6.07 -0.58 8.90
C PHE A 62 5.09 0.55 9.30
N SER A 63 4.27 0.98 8.35
CA SER A 63 3.33 2.06 8.63
C SER A 63 2.26 1.64 9.64
N TYR A 64 1.76 0.41 9.55
CA TYR A 64 0.79 -0.11 10.52
C TYR A 64 1.39 -0.18 11.91
N TYR A 65 2.68 -0.51 12.00
CA TYR A 65 3.37 -0.57 13.29
C TYR A 65 3.36 0.80 13.97
N VAL A 66 3.67 1.85 13.21
CA VAL A 66 3.60 3.22 13.73
C VAL A 66 2.18 3.53 14.22
N TRP A 67 1.18 3.16 13.43
CA TRP A 67 -0.21 3.44 13.78
C TRP A 67 -0.59 2.74 15.07
N LEU A 68 -0.19 1.48 15.21
CA LEU A 68 -0.46 0.74 16.43
C LEU A 68 0.08 1.46 17.66
N GLU A 69 1.33 1.91 17.58
CA GLU A 69 1.98 2.55 18.69
C GLU A 69 1.38 3.92 19.01
N ALA A 70 0.89 4.62 17.99
CA ALA A 70 0.25 5.92 18.21
C ALA A 70 -1.00 5.72 19.06
N MET A 71 -1.80 4.71 18.73
CA MET A 71 -3.01 4.42 19.49
C MET A 71 -2.67 3.99 20.92
N TYR A 72 -1.61 3.21 21.07
CA TYR A 72 -1.13 2.82 22.40
C TYR A 72 -0.74 4.04 23.25
N GLY A 73 -0.01 4.98 22.66
CA GLY A 73 0.29 6.23 23.34
C GLY A 73 -0.95 6.99 23.76
N ASN A 74 -1.94 7.05 22.88
CA ASN A 74 -3.22 7.70 23.19
C ASN A 74 -3.86 7.12 24.44
N LEU A 75 -3.99 5.79 24.44
CA LEU A 75 -4.73 5.12 25.50
C LEU A 75 -3.96 4.92 26.80
N THR A 76 -2.63 4.97 26.78
CA THR A 76 -1.84 4.71 27.99
C THR A 76 -0.90 5.84 28.40
N GLY A 77 -0.61 6.77 27.51
CA GLY A 77 0.33 7.84 27.80
C GLY A 77 1.80 7.47 27.60
N ASN A 78 2.05 6.26 27.12
CA ASN A 78 3.41 5.79 26.86
C ASN A 78 3.77 5.95 25.39
N TRP A 79 4.74 6.84 25.12
CA TRP A 79 5.08 7.24 23.77
C TRP A 79 6.35 6.61 23.20
N SER A 80 7.00 5.74 23.98
CA SER A 80 8.25 5.12 23.53
C SER A 80 8.02 4.22 22.32
N GLY A 81 6.82 3.66 22.18
CA GLY A 81 6.49 2.80 21.06
C GLY A 81 6.57 3.54 19.74
N VAL A 82 6.07 4.77 19.71
CA VAL A 82 6.12 5.58 18.50
C VAL A 82 7.57 5.83 18.10
N GLU A 83 8.39 6.19 19.08
CA GLU A 83 9.81 6.41 18.87
C GLU A 83 10.48 5.14 18.29
N THR A 84 10.22 4.00 18.93
CA THR A 84 10.81 2.75 18.51
C THR A 84 10.36 2.36 17.09
N ALA A 85 9.08 2.52 16.80
CA ALA A 85 8.54 2.14 15.50
C ALA A 85 9.12 3.00 14.37
N TRP A 86 9.22 4.31 14.59
CA TRP A 86 9.80 5.14 13.55
C TRP A 86 11.28 4.81 13.36
N LYS A 87 11.96 4.53 14.45
CA LYS A 87 13.38 4.17 14.39
C LYS A 87 13.61 2.89 13.57
N VAL A 88 12.80 1.87 13.78
CA VAL A 88 12.91 0.64 13.02
C VAL A 88 12.72 0.92 11.53
N MET A 89 11.72 1.75 11.22
CA MET A 89 11.48 2.18 9.84
C MET A 89 12.71 2.91 9.26
N GLU A 90 13.17 3.95 9.93
CA GLU A 90 14.26 4.75 9.39
C GLU A 90 15.56 3.93 9.29
N ASP A 91 15.77 3.03 10.24
CA ASP A 91 17.01 2.26 10.31
C ASP A 91 17.07 1.22 9.20
N TRP A 92 15.92 0.76 8.71
CA TRP A 92 15.89 -0.39 7.79
C TRP A 92 15.32 -0.14 6.41
N ILE A 93 14.09 0.37 6.34
CA ILE A 93 13.39 0.38 5.05
C ILE A 93 13.48 1.73 4.31
N ILE A 94 13.92 2.77 4.99
CA ILE A 94 14.28 4.02 4.34
C ILE A 94 15.75 3.95 4.00
N PRO A 95 16.08 3.93 2.70
CA PRO A 95 17.49 3.76 2.35
C PRO A 95 18.29 4.96 2.83
N ASP A 96 19.44 4.70 3.45
CA ASP A 96 20.27 5.79 3.94
C ASP A 96 21.22 6.28 2.85
N SER A 97 22.12 7.19 3.20
CA SER A 97 23.00 7.78 2.20
C SER A 97 23.90 6.74 1.54
N THR A 98 24.37 5.77 2.33
CA THR A 98 25.28 4.76 1.81
C THR A 98 24.53 3.84 0.87
N GLU A 99 23.21 3.83 0.98
CA GLU A 99 22.37 2.95 0.18
C GLU A 99 21.81 3.66 -1.07
N GLN A 100 22.09 4.95 -1.20
CA GLN A 100 21.69 5.75 -2.38
C GLN A 100 22.91 6.43 -3.02
N PRO A 101 23.98 5.67 -3.28
CA PRO A 101 25.21 6.35 -3.70
C PRO A 101 25.06 7.06 -5.05
N GLY A 102 25.51 8.31 -5.12
CA GLY A 102 25.47 9.07 -6.35
C GLY A 102 24.17 9.77 -6.66
N MET A 103 23.20 9.75 -5.74
CA MET A 103 21.94 10.44 -5.99
C MET A 103 22.14 11.94 -6.21
N SER A 104 23.23 12.48 -5.70
CA SER A 104 23.52 13.88 -5.90
C SER A 104 23.77 14.19 -7.38
N SER A 105 24.05 13.16 -8.18
CA SER A 105 24.27 13.32 -9.61
C SER A 105 22.97 13.30 -10.43
N TYR A 106 21.84 13.11 -9.77
CA TYR A 106 20.57 13.12 -10.47
C TYR A 106 20.39 14.44 -11.21
N ASN A 107 19.94 14.37 -12.45
CA ASN A 107 19.65 15.54 -13.26
C ASN A 107 18.14 15.71 -13.47
N PRO A 108 17.53 16.70 -12.80
CA PRO A 108 16.07 16.82 -12.97
C PRO A 108 15.68 17.18 -14.40
N ASN A 109 16.62 17.65 -15.20
CA ASN A 109 16.30 17.97 -16.58
C ASN A 109 16.50 16.78 -17.52
N SER A 110 17.00 15.67 -16.98
CA SER A 110 17.11 14.39 -17.69
C SER A 110 16.81 13.25 -16.72
N PRO A 111 15.54 13.14 -16.30
CA PRO A 111 15.25 12.32 -15.13
C PRO A 111 15.43 10.80 -15.34
N ALA A 112 15.11 10.30 -16.54
CA ALA A 112 15.13 8.87 -16.79
C ALA A 112 15.01 8.62 -18.28
N THR A 113 15.23 7.36 -18.66
CA THR A 113 15.08 6.92 -20.04
C THR A 113 13.72 6.20 -20.20
N TYR A 114 13.02 6.53 -21.28
CA TYR A 114 11.70 5.99 -21.55
C TYR A 114 11.71 4.49 -21.84
N ALA A 115 10.71 3.78 -21.33
CA ALA A 115 10.43 2.39 -21.71
C ALA A 115 8.93 2.14 -21.73
N ASP A 116 8.46 1.33 -22.69
CA ASP A 116 7.07 0.88 -22.74
C ASP A 116 6.76 -0.02 -21.55
N GLU A 117 5.47 -0.06 -21.19
CA GLU A 117 4.92 -1.13 -20.37
C GLU A 117 4.13 -2.05 -21.29
N TYR A 118 3.99 -3.33 -20.91
CA TYR A 118 3.28 -4.30 -21.76
C TYR A 118 2.24 -5.15 -21.01
N GLU A 119 1.31 -5.69 -21.79
CA GLU A 119 0.14 -6.41 -21.27
C GLU A 119 0.43 -7.84 -20.79
N ASP A 120 1.64 -8.33 -20.98
CA ASP A 120 2.01 -9.66 -20.51
C ASP A 120 3.50 -9.71 -20.18
N PRO A 121 3.87 -10.47 -19.15
CA PRO A 121 5.30 -10.56 -18.79
C PRO A 121 6.15 -11.08 -19.94
N SER A 122 5.56 -11.88 -20.83
CA SER A 122 6.33 -12.46 -21.93
C SER A 122 6.83 -11.42 -22.94
N TYR A 123 6.31 -10.19 -22.86
CA TYR A 123 6.80 -9.12 -23.70
C TYR A 123 8.12 -8.52 -23.18
N TYR A 124 8.49 -8.86 -21.95
CA TYR A 124 9.69 -8.29 -21.33
C TYR A 124 10.89 -9.17 -21.62
N PRO A 125 12.09 -8.58 -21.68
CA PRO A 125 12.46 -7.20 -21.33
C PRO A 125 11.94 -6.09 -22.27
N SER A 126 11.66 -4.92 -21.69
CA SER A 126 11.19 -3.76 -22.43
C SER A 126 12.38 -2.87 -22.78
N GLU A 127 12.45 -2.48 -24.06
CA GLU A 127 13.60 -1.74 -24.56
C GLU A 127 13.67 -0.31 -24.01
N LEU A 128 14.84 0.06 -23.53
CA LEU A 128 15.10 1.44 -23.16
C LEU A 128 15.34 2.26 -24.42
N LYS A 129 14.57 3.33 -24.59
CA LYS A 129 14.61 4.12 -25.83
C LYS A 129 15.37 5.43 -25.68
N PHE A 130 16.70 5.32 -25.61
CA PHE A 130 17.58 6.47 -25.53
C PHE A 130 17.50 7.31 -26.81
N ASP A 131 17.37 8.62 -26.64
CA ASP A 131 17.45 9.57 -27.75
C ASP A 131 16.43 9.32 -28.86
N THR A 132 15.48 8.43 -28.62
CA THR A 132 14.39 8.16 -29.56
C THR A 132 13.13 8.81 -29.00
N VAL A 133 13.03 8.79 -27.67
CA VAL A 133 11.90 9.37 -26.96
C VAL A 133 12.42 10.37 -25.95
N ARG A 134 12.03 11.63 -26.09
CA ARG A 134 12.38 12.66 -25.12
C ARG A 134 11.40 12.57 -23.98
N VAL A 135 11.89 12.84 -22.76
CA VAL A 135 11.05 12.81 -21.58
C VAL A 135 11.01 14.22 -21.00
N GLY A 136 10.14 14.46 -20.02
CA GLY A 136 10.00 15.80 -19.48
C GLY A 136 10.96 16.06 -18.34
N SER A 137 10.73 17.16 -17.62
CA SER A 137 11.62 17.60 -16.56
C SER A 137 10.94 17.61 -15.20
N ASP A 138 11.72 17.34 -14.16
CA ASP A 138 11.27 17.18 -12.77
C ASP A 138 11.33 18.55 -12.09
N PRO A 139 10.17 19.10 -11.69
CA PRO A 139 10.11 20.45 -11.12
C PRO A 139 10.14 20.48 -9.59
N VAL A 140 10.22 19.34 -8.92
CA VAL A 140 10.23 19.31 -7.46
C VAL A 140 11.57 18.96 -6.86
N HIS A 141 12.45 18.32 -7.63
CA HIS A 141 13.69 17.83 -7.05
C HIS A 141 14.50 18.92 -6.33
N ASN A 142 14.73 20.04 -6.99
CA ASN A 142 15.62 21.04 -6.43
C ASN A 142 15.06 21.68 -5.17
N ASP A 143 13.74 21.83 -5.12
CA ASP A 143 13.07 22.39 -3.95
C ASP A 143 13.32 21.43 -2.76
N LEU A 144 13.23 20.14 -3.00
CA LEU A 144 13.51 19.17 -1.94
C LEU A 144 15.00 19.16 -1.54
N VAL A 145 15.91 19.18 -2.52
CA VAL A 145 17.34 19.18 -2.22
C VAL A 145 17.71 20.39 -1.36
N SER A 146 17.17 21.57 -1.69
CA SER A 146 17.45 22.78 -0.93
C SER A 146 17.11 22.64 0.56
N ALA A 147 16.11 21.82 0.86
CA ALA A 147 15.71 21.61 2.25
C ALA A 147 16.44 20.44 2.93
N TYR A 148 16.73 19.38 2.18
CA TYR A 148 17.09 18.10 2.78
C TYR A 148 18.40 17.48 2.31
N GLY A 149 19.00 18.02 1.25
CA GLY A 149 20.20 17.44 0.68
C GLY A 149 19.85 16.46 -0.41
N PRO A 150 20.77 15.55 -0.75
CA PRO A 150 20.64 14.81 -2.02
C PRO A 150 19.72 13.60 -2.05
N ASN A 151 19.36 13.05 -0.90
CA ASN A 151 18.74 11.73 -0.86
C ASN A 151 17.24 11.76 -0.68
N MET A 152 16.60 10.68 -1.11
CA MET A 152 15.16 10.51 -0.94
C MET A 152 14.86 9.96 0.44
N TYR A 153 13.93 10.60 1.14
CA TYR A 153 13.43 10.10 2.42
C TYR A 153 12.05 9.49 2.21
N LEU A 154 12.06 8.28 1.67
CA LEU A 154 10.86 7.50 1.38
C LEU A 154 11.19 6.03 1.69
N MET A 155 10.15 5.23 1.88
CA MET A 155 10.33 3.80 2.13
C MET A 155 10.32 3.00 0.85
N HIS A 156 11.35 2.16 0.66
CA HIS A 156 11.26 1.14 -0.36
C HIS A 156 10.12 0.17 0.02
N TRP A 157 9.48 -0.43 -0.98
CA TRP A 157 8.20 -1.10 -0.72
C TRP A 157 8.31 -2.53 -0.17
N LEU A 158 9.45 -3.19 -0.36
CA LEU A 158 9.57 -4.63 -0.09
C LEU A 158 10.92 -5.01 0.54
N MET A 159 10.90 -5.78 1.61
CA MET A 159 12.13 -6.17 2.31
C MET A 159 12.12 -7.63 2.73
N ASP A 160 13.21 -8.33 2.41
CA ASP A 160 13.39 -9.74 2.80
C ASP A 160 14.01 -9.75 4.19
N VAL A 161 13.15 -9.85 5.20
CA VAL A 161 13.54 -9.51 6.56
C VAL A 161 14.60 -10.44 7.14
N ASP A 162 14.44 -11.73 6.81
N ASP A 162 14.56 -11.73 6.84
CA ASP A 162 15.31 -12.86 7.26
CA ASP A 162 15.60 -12.62 7.35
C ASP A 162 16.41 -13.21 6.23
C ASP A 162 16.40 -13.24 6.20
N ASN A 163 16.48 -12.48 5.12
CA ASN A 163 17.34 -12.86 3.97
C ASN A 163 17.03 -14.25 3.44
N TRP A 164 15.75 -14.56 3.34
CA TRP A 164 15.31 -15.89 2.94
C TRP A 164 15.72 -16.22 1.52
N TYR A 165 15.70 -15.21 0.64
CA TYR A 165 16.12 -15.42 -0.74
C TYR A 165 17.63 -15.50 -0.90
N GLY A 166 18.38 -14.97 0.06
CA GLY A 166 19.84 -15.06 0.02
C GLY A 166 20.56 -13.96 -0.74
N PHE A 167 19.86 -12.89 -1.09
CA PHE A 167 20.50 -11.82 -1.83
C PHE A 167 21.39 -10.95 -0.95
N GLY A 168 21.21 -11.05 0.36
CA GLY A 168 21.99 -10.29 1.31
C GLY A 168 22.90 -11.16 2.15
N THR A 169 23.31 -10.64 3.31
CA THR A 169 24.26 -11.35 4.16
C THR A 169 23.58 -11.91 5.40
N GLY A 170 23.98 -13.10 5.79
CA GLY A 170 23.47 -13.73 7.00
C GLY A 170 21.96 -13.81 6.97
N THR A 171 21.34 -13.25 8.01
CA THR A 171 19.88 -13.17 8.07
C THR A 171 19.45 -11.71 8.12
N GLN A 172 20.28 -10.85 7.57
CA GLN A 172 20.02 -9.42 7.62
C GLN A 172 18.91 -9.01 6.67
N ALA A 173 18.04 -8.11 7.15
CA ALA A 173 16.98 -7.57 6.31
C ALA A 173 17.58 -6.93 5.06
N THR A 174 17.00 -7.28 3.91
CA THR A 174 17.59 -6.97 2.60
C THR A 174 16.55 -6.40 1.65
N PHE A 175 16.87 -5.29 0.99
CA PHE A 175 15.99 -4.72 -0.02
C PHE A 175 15.87 -5.65 -1.24
N ILE A 176 14.63 -6.01 -1.59
CA ILE A 176 14.38 -6.81 -2.80
C ILE A 176 13.24 -6.24 -3.63
N ASN A 177 13.09 -6.76 -4.84
CA ASN A 177 11.92 -6.45 -5.63
C ASN A 177 11.44 -7.70 -6.33
N THR A 178 10.17 -7.68 -6.72
CA THR A 178 9.57 -8.80 -7.45
C THR A 178 8.86 -8.25 -8.70
N PHE A 179 7.71 -7.63 -8.53
CA PHE A 179 6.93 -7.12 -9.66
C PHE A 179 7.74 -6.17 -10.55
N GLN A 180 7.74 -6.43 -11.85
CA GLN A 180 8.48 -5.59 -12.79
C GLN A 180 7.98 -5.71 -14.23
N ARG A 181 7.21 -6.75 -14.51
CA ARG A 181 6.81 -7.03 -15.88
C ARG A 181 5.32 -6.79 -16.17
N GLY A 182 4.81 -5.67 -15.70
CA GLY A 182 3.53 -5.17 -16.18
C GLY A 182 2.29 -5.71 -15.48
N GLU A 183 1.15 -5.34 -16.04
CA GLU A 183 -0.14 -5.48 -15.36
C GLU A 183 -0.61 -6.92 -15.21
N GLN A 184 -0.04 -7.86 -15.98
CA GLN A 184 -0.47 -9.26 -15.95
C GLN A 184 0.48 -10.15 -15.19
N GLU A 185 1.52 -9.57 -14.62
CA GLU A 185 2.42 -10.31 -13.77
C GLU A 185 1.86 -10.39 -12.35
N SER A 186 1.14 -11.47 -12.08
CA SER A 186 0.68 -11.73 -10.73
C SER A 186 1.88 -12.06 -9.80
N THR A 187 1.62 -12.12 -8.51
CA THR A 187 2.64 -12.46 -7.54
C THR A 187 3.27 -13.82 -7.85
N TRP A 188 2.53 -14.69 -8.55
CA TRP A 188 2.99 -16.02 -8.88
C TRP A 188 3.95 -16.06 -10.07
N GLU A 189 4.08 -14.91 -10.74
CA GLU A 189 4.71 -14.87 -12.05
C GLU A 189 6.01 -14.05 -12.08
N THR A 190 6.48 -13.65 -10.91
CA THR A 190 7.65 -12.79 -10.79
C THR A 190 8.94 -13.61 -10.70
N ILE A 191 10.07 -12.92 -10.86
CA ILE A 191 11.36 -13.47 -10.55
C ILE A 191 11.99 -12.53 -9.51
N PRO A 192 12.03 -12.95 -8.24
CA PRO A 192 12.58 -12.07 -7.20
C PRO A 192 14.04 -11.72 -7.47
N HIS A 193 14.41 -10.48 -7.15
CA HIS A 193 15.73 -9.97 -7.46
C HIS A 193 16.17 -8.90 -6.43
N PRO A 194 17.50 -8.67 -6.34
CA PRO A 194 18.00 -7.69 -5.37
C PRO A 194 17.80 -6.25 -5.85
N SER A 195 17.44 -5.36 -4.94
CA SER A 195 17.37 -3.95 -5.27
C SER A 195 18.76 -3.38 -5.53
N ILE A 196 19.75 -3.90 -4.82
CA ILE A 196 21.14 -3.49 -4.98
C ILE A 196 21.76 -4.57 -5.86
N GLU A 197 21.88 -4.24 -7.14
CA GLU A 197 22.23 -5.20 -8.18
C GLU A 197 23.73 -5.14 -8.45
N GLU A 198 24.46 -6.15 -7.97
CA GLU A 198 25.91 -6.23 -8.13
C GLU A 198 26.32 -7.38 -9.05
N PHE A 199 25.35 -7.94 -9.76
CA PHE A 199 25.55 -9.06 -10.66
C PHE A 199 26.03 -10.33 -9.95
N LYS A 200 25.91 -10.40 -8.62
CA LYS A 200 26.39 -11.57 -7.89
C LYS A 200 25.53 -12.79 -8.21
N TYR A 201 24.26 -12.52 -8.47
CA TYR A 201 23.26 -13.58 -8.61
C TYR A 201 22.49 -13.35 -9.90
N GLY A 202 21.79 -14.39 -10.36
CA GLY A 202 21.05 -14.30 -11.59
C GLY A 202 21.97 -14.68 -12.75
N GLY A 203 21.97 -13.86 -13.79
CA GLY A 203 22.75 -14.11 -14.98
C GLY A 203 23.96 -13.19 -15.05
N PRO A 204 24.59 -13.09 -16.23
CA PRO A 204 25.78 -12.26 -16.39
C PRO A 204 25.56 -10.77 -16.06
N ASN A 205 24.36 -10.30 -16.33
CA ASN A 205 23.95 -8.93 -16.02
C ASN A 205 22.99 -8.90 -14.82
N GLY A 206 23.20 -9.86 -13.92
CA GLY A 206 22.33 -10.04 -12.79
C GLY A 206 20.93 -10.37 -13.27
N PHE A 207 19.93 -9.65 -12.77
CA PHE A 207 18.55 -9.85 -13.19
C PHE A 207 18.10 -8.79 -14.19
N LEU A 208 18.98 -7.85 -14.55
CA LEU A 208 18.53 -6.63 -15.20
C LEU A 208 17.89 -6.87 -16.56
N ASP A 209 18.47 -7.80 -17.32
CA ASP A 209 18.02 -8.05 -18.69
C ASP A 209 16.83 -9.00 -18.82
N LEU A 210 16.25 -9.38 -17.68
CA LEU A 210 14.91 -9.95 -17.68
C LEU A 210 13.87 -8.83 -17.91
N PHE A 211 14.23 -7.60 -17.57
CA PHE A 211 13.25 -6.53 -17.38
C PHE A 211 13.40 -5.38 -18.35
N THR A 212 14.63 -5.02 -18.64
CA THR A 212 14.92 -3.96 -19.58
C THR A 212 15.92 -4.44 -20.60
N LYS A 213 15.73 -4.00 -21.83
CA LYS A 213 16.65 -4.35 -22.91
C LYS A 213 17.48 -3.11 -23.28
N ASP A 214 18.80 -3.27 -23.29
CA ASP A 214 19.72 -2.15 -23.49
C ASP A 214 21.01 -2.72 -24.06
N ARG A 215 21.85 -1.86 -24.60
CA ARG A 215 23.07 -2.32 -25.28
C ARG A 215 24.10 -2.87 -24.29
N SER A 216 24.14 -2.30 -23.10
CA SER A 216 25.02 -2.77 -22.03
C SER A 216 24.32 -2.60 -20.67
N TYR A 217 24.90 -3.20 -19.62
CA TYR A 217 24.33 -3.17 -18.28
C TYR A 217 25.38 -2.86 -17.21
N ALA A 218 25.04 -1.96 -16.28
CA ALA A 218 25.92 -1.57 -15.18
C ALA A 218 25.33 -1.91 -13.83
N ARG A 219 26.21 -2.18 -12.86
CA ARG A 219 25.77 -2.44 -11.51
C ARG A 219 25.06 -1.19 -10.99
N GLN A 220 23.99 -1.40 -10.24
CA GLN A 220 23.10 -0.29 -9.93
C GLN A 220 22.18 -0.65 -8.78
N TRP A 221 21.59 0.39 -8.19
CA TRP A 221 20.63 0.24 -7.11
C TRP A 221 19.35 0.90 -7.54
N ARG A 222 18.23 0.47 -6.95
CA ARG A 222 16.91 0.97 -7.29
C ARG A 222 15.93 0.72 -6.16
N TYR A 223 15.16 1.74 -5.82
CA TYR A 223 14.06 1.63 -4.86
C TYR A 223 12.74 2.12 -5.50
N THR A 224 11.63 1.60 -4.98
CA THR A 224 10.29 1.97 -5.44
C THR A 224 9.39 2.05 -4.22
N ASN A 225 8.68 3.15 -4.04
CA ASN A 225 7.81 3.28 -2.88
C ASN A 225 6.39 2.84 -3.18
N ALA A 226 5.59 2.79 -2.13
CA ALA A 226 4.16 2.58 -2.22
C ALA A 226 3.57 3.64 -1.31
N PRO A 227 3.04 4.72 -1.89
CA PRO A 227 2.85 5.93 -1.08
C PRO A 227 1.74 5.83 -0.06
N ASP A 228 0.91 4.79 -0.13
CA ASP A 228 -0.08 4.57 0.89
C ASP A 228 0.56 4.21 2.24
N ALA A 229 1.76 3.64 2.21
CA ALA A 229 2.50 3.33 3.42
C ALA A 229 2.97 4.61 4.10
N GLU A 230 3.70 5.44 3.37
CA GLU A 230 4.10 6.73 3.90
C GLU A 230 2.89 7.52 4.37
N GLY A 231 1.82 7.50 3.61
CA GLY A 231 0.64 8.27 3.94
C GLY A 231 0.05 7.83 5.27
N ARG A 232 -0.06 6.51 5.46
CA ARG A 232 -0.55 5.93 6.70
C ARG A 232 0.36 6.27 7.87
N ALA A 233 1.67 6.21 7.64
CA ALA A 233 2.63 6.56 8.68
C ALA A 233 2.46 8.00 9.15
N ILE A 234 2.28 8.91 8.21
CA ILE A 234 2.16 10.32 8.54
C ILE A 234 0.83 10.59 9.24
N GLN A 235 -0.21 9.97 8.70
CA GLN A 235 -1.53 9.98 9.32
C GLN A 235 -1.44 9.58 10.79
N ALA A 236 -0.76 8.45 11.06
CA ALA A 236 -0.56 7.99 12.42
C ALA A 236 0.15 9.03 13.29
N VAL A 237 1.16 9.68 12.72
CA VAL A 237 1.94 10.64 13.49
C VAL A 237 1.15 11.94 13.74
N TYR A 238 0.23 12.30 12.86
CA TYR A 238 -0.68 13.41 13.19
C TYR A 238 -1.40 13.10 14.49
N TRP A 239 -1.92 11.88 14.59
CA TRP A 239 -2.65 11.49 15.78
C TRP A 239 -1.74 11.38 16.99
N ALA A 240 -0.55 10.81 16.80
CA ALA A 240 0.41 10.78 17.90
C ALA A 240 0.69 12.17 18.44
N ASN A 241 0.90 13.12 17.54
CA ASN A 241 1.14 14.51 17.95
C ASN A 241 -0.06 15.11 18.67
N LYS A 242 -1.26 14.90 18.14
CA LYS A 242 -2.46 15.45 18.75
C LYS A 242 -2.63 14.89 20.17
N TRP A 243 -2.56 13.56 20.26
CA TRP A 243 -2.77 12.87 21.52
C TRP A 243 -1.66 13.15 22.53
N ALA A 244 -0.41 13.17 22.07
CA ALA A 244 0.70 13.46 22.97
C ALA A 244 0.58 14.88 23.52
N LYS A 245 0.23 15.84 22.67
CA LYS A 245 0.11 17.21 23.16
C LYS A 245 -1.07 17.40 24.12
N GLU A 246 -2.16 16.66 23.91
CA GLU A 246 -3.28 16.63 24.86
C GLU A 246 -2.77 16.28 26.24
N GLN A 247 -1.79 15.38 26.28
CA GLN A 247 -1.22 14.86 27.52
C GLN A 247 -0.04 15.68 28.05
N GLY A 248 0.35 16.73 27.33
CA GLY A 248 1.51 17.52 27.68
C GLY A 248 2.82 16.81 27.41
N LYS A 249 2.80 15.87 26.45
CA LYS A 249 3.97 15.03 26.14
C LYS A 249 4.38 15.16 24.69
N GLY A 250 4.09 16.31 24.08
CA GLY A 250 4.42 16.52 22.68
C GLY A 250 5.91 16.41 22.39
N SER A 251 6.74 16.73 23.36
CA SER A 251 8.19 16.64 23.17
C SER A 251 8.64 15.20 22.90
N ALA A 252 7.89 14.22 23.41
CA ALA A 252 8.26 12.81 23.20
C ALA A 252 8.20 12.39 21.75
N VAL A 253 7.38 13.07 20.95
CA VAL A 253 7.20 12.69 19.54
C VAL A 253 7.61 13.78 18.56
N ALA A 254 8.20 14.86 19.07
CA ALA A 254 8.56 15.99 18.22
C ALA A 254 9.54 15.64 17.09
N SER A 255 10.53 14.82 17.40
CA SER A 255 11.51 14.41 16.39
C SER A 255 10.82 13.57 15.30
N VAL A 256 9.93 12.65 15.71
CA VAL A 256 9.19 11.83 14.75
C VAL A 256 8.27 12.71 13.89
N VAL A 257 7.69 13.75 14.49
CA VAL A 257 6.83 14.65 13.74
C VAL A 257 7.63 15.34 12.62
N SER A 258 8.83 15.81 12.95
CA SER A 258 9.70 16.41 11.96
C SER A 258 10.05 15.46 10.82
N LYS A 259 10.31 14.19 11.14
CA LYS A 259 10.60 13.19 10.12
C LYS A 259 9.39 12.89 9.24
N ALA A 260 8.21 12.81 9.85
CA ALA A 260 6.99 12.59 9.10
C ALA A 260 6.69 13.76 8.15
N ALA A 261 6.96 14.99 8.58
CA ALA A 261 6.76 16.16 7.73
C ALA A 261 7.65 16.07 6.48
N LYS A 262 8.88 15.65 6.71
CA LYS A 262 9.87 15.49 5.66
C LYS A 262 9.43 14.39 4.68
N MET A 263 9.02 13.25 5.22
CA MET A 263 8.50 12.16 4.39
C MET A 263 7.33 12.67 3.55
N GLY A 264 6.43 13.43 4.17
CA GLY A 264 5.32 14.00 3.44
C GLY A 264 5.79 14.87 2.27
N ASP A 265 6.83 15.66 2.50
CA ASP A 265 7.36 16.51 1.44
C ASP A 265 7.86 15.66 0.26
N PHE A 266 8.58 14.58 0.54
CA PHE A 266 9.09 13.69 -0.51
C PHE A 266 8.00 12.95 -1.30
N LEU A 267 6.82 12.81 -0.70
CA LEU A 267 5.69 12.21 -1.41
C LEU A 267 5.21 13.05 -2.60
N ARG A 268 5.66 14.30 -2.71
CA ARG A 268 5.40 15.06 -3.93
C ARG A 268 5.89 14.35 -5.20
N ASN A 269 6.93 13.53 -5.07
CA ASN A 269 7.43 12.75 -6.18
C ASN A 269 6.37 11.81 -6.77
N ASP A 270 5.46 11.34 -5.91
CA ASP A 270 4.36 10.49 -6.36
C ASP A 270 3.26 11.21 -7.15
N MET A 271 3.37 12.54 -7.27
CA MET A 271 2.35 13.39 -7.90
C MET A 271 2.54 13.61 -9.40
N PHE A 272 3.55 12.96 -9.97
CA PHE A 272 3.96 13.21 -11.35
C PHE A 272 3.83 12.02 -12.28
N ASP A 273 3.53 12.31 -13.54
CA ASP A 273 3.59 11.33 -14.60
C ASP A 273 4.94 10.60 -14.58
N LYS A 274 4.92 9.33 -14.94
CA LYS A 274 6.10 8.47 -14.91
C LYS A 274 7.34 9.14 -15.51
N TYR A 275 7.18 9.68 -16.70
CA TYR A 275 8.29 10.28 -17.42
C TYR A 275 8.10 11.78 -17.63
N PHE A 276 7.37 12.38 -16.69
CA PHE A 276 7.15 13.82 -16.66
C PHE A 276 6.58 14.30 -18.00
N MET A 277 5.69 13.49 -18.57
CA MET A 277 4.96 13.87 -19.76
C MET A 277 3.77 14.73 -19.36
N LYS A 278 3.29 15.56 -20.28
CA LYS A 278 2.14 16.43 -20.01
C LYS A 278 0.90 15.63 -19.66
N ILE A 279 0.22 16.02 -18.59
CA ILE A 279 -1.08 15.45 -18.28
C ILE A 279 -2.07 15.73 -19.43
N GLY A 280 -2.71 14.68 -19.92
CA GLY A 280 -3.69 14.78 -20.98
C GLY A 280 -3.14 14.69 -22.40
N ALA A 281 -1.84 14.44 -22.54
CA ALA A 281 -1.19 14.48 -23.85
C ALA A 281 -1.66 13.39 -24.83
N GLN A 282 -2.00 12.21 -24.31
CA GLN A 282 -2.27 11.05 -25.17
C GLN A 282 -1.13 10.81 -26.16
N ASP A 283 0.08 11.11 -25.72
CA ASP A 283 1.28 10.93 -26.50
C ASP A 283 2.48 11.14 -25.58
N LYS A 284 3.66 10.80 -26.09
CA LYS A 284 4.90 10.98 -25.36
C LYS A 284 5.38 12.43 -25.52
N THR A 285 4.63 13.35 -24.93
CA THR A 285 4.86 14.79 -25.05
C THR A 285 5.48 15.31 -23.75
N PRO A 286 6.78 15.66 -23.76
CA PRO A 286 7.44 16.06 -22.53
C PRO A 286 6.89 17.35 -21.95
N ALA A 287 6.78 17.41 -20.63
CA ALA A 287 6.40 18.64 -19.95
C ALA A 287 7.58 19.33 -19.27
N THR A 288 7.39 20.61 -18.95
CA THR A 288 8.25 21.31 -17.99
C THR A 288 7.34 21.83 -16.89
N GLY A 289 7.94 22.23 -15.78
CA GLY A 289 7.19 22.71 -14.64
C GLY A 289 6.20 21.67 -14.18
N TYR A 290 5.05 22.14 -13.73
CA TYR A 290 4.04 21.27 -13.16
C TYR A 290 3.01 20.76 -14.17
N ASP A 291 3.30 20.87 -15.46
CA ASP A 291 2.36 20.39 -16.47
C ASP A 291 2.31 18.87 -16.52
N SER A 292 3.23 18.22 -15.81
CA SER A 292 3.22 16.75 -15.67
C SER A 292 2.66 16.30 -14.32
N ALA A 293 2.19 17.24 -13.52
CA ALA A 293 1.66 16.92 -12.20
C ALA A 293 0.18 16.57 -12.30
N HIS A 294 -0.17 15.35 -11.89
CA HIS A 294 -1.58 15.00 -11.70
C HIS A 294 -2.04 15.26 -10.27
N TYR A 295 -1.09 15.50 -9.36
CA TYR A 295 -1.39 15.87 -7.97
C TYR A 295 -2.14 14.78 -7.19
N LEU A 296 -2.09 13.55 -7.69
CA LEU A 296 -2.63 12.42 -6.95
C LEU A 296 -1.47 11.59 -6.42
N MET A 297 -1.75 10.66 -5.50
CA MET A 297 -0.77 9.66 -5.12
C MET A 297 -0.83 8.54 -6.16
N ALA A 298 0.12 8.55 -7.10
CA ALA A 298 0.19 7.51 -8.11
C ALA A 298 0.71 6.24 -7.46
N TRP A 299 0.87 5.18 -8.24
CA TRP A 299 1.15 3.89 -7.62
C TRP A 299 2.52 3.86 -6.94
N TYR A 300 3.48 4.64 -7.48
CA TYR A 300 4.84 4.64 -6.96
C TYR A 300 5.60 5.88 -7.45
N THR A 301 6.71 6.16 -6.78
CA THR A 301 7.86 6.82 -7.39
C THR A 301 9.01 5.82 -7.27
N SER A 302 9.90 5.82 -8.24
CA SER A 302 11.07 4.95 -8.21
C SER A 302 12.31 5.79 -8.52
N TRP A 303 13.44 5.40 -7.94
CA TRP A 303 14.67 6.12 -8.16
C TRP A 303 15.83 5.16 -8.03
N GLY A 304 16.95 5.52 -8.62
CA GLY A 304 18.06 4.60 -8.66
C GLY A 304 19.32 5.27 -9.17
N GLY A 305 20.40 4.52 -9.18
CA GLY A 305 21.67 5.06 -9.61
C GLY A 305 22.74 4.01 -9.67
N GLY A 306 23.95 4.42 -9.99
CA GLY A 306 25.01 3.47 -10.21
C GLY A 306 25.70 3.03 -8.94
N ILE A 307 26.28 1.85 -9.03
CA ILE A 307 27.22 1.35 -8.04
C ILE A 307 28.58 1.31 -8.73
N GLY A 308 29.50 2.14 -8.26
CA GLY A 308 30.85 2.17 -8.80
C GLY A 308 31.01 3.18 -9.92
N ALA A 309 29.93 3.89 -10.23
CA ALA A 309 29.93 4.96 -11.21
C ALA A 309 28.83 5.92 -10.79
N SER A 310 28.98 7.20 -11.09
CA SER A 310 28.09 8.23 -10.56
C SER A 310 27.02 8.63 -11.58
N TRP A 311 25.80 8.14 -11.38
CA TRP A 311 24.68 8.54 -12.21
C TRP A 311 23.41 8.18 -11.46
N ALA A 312 22.29 8.83 -11.80
CA ALA A 312 21.03 8.59 -11.10
C ALA A 312 19.84 8.96 -11.95
N TRP A 313 18.68 8.48 -11.52
CA TRP A 313 17.44 8.65 -12.28
C TRP A 313 16.26 8.58 -11.33
N LYS A 314 15.11 9.01 -11.82
CA LYS A 314 13.87 9.03 -11.05
C LYS A 314 12.68 8.99 -12.00
N ILE A 315 11.66 8.22 -11.64
CA ILE A 315 10.37 8.25 -12.33
C ILE A 315 9.22 8.47 -11.34
N GLY A 316 8.15 9.10 -11.82
CA GLY A 316 6.89 9.11 -11.12
C GLY A 316 6.10 7.89 -11.54
N CYS A 317 4.78 8.05 -11.65
CA CYS A 317 3.92 7.02 -12.19
C CYS A 317 2.68 7.65 -12.79
N SER A 318 2.24 7.14 -13.93
CA SER A 318 1.11 7.70 -14.66
C SER A 318 -0.24 7.18 -14.22
N HIS A 319 -0.23 6.16 -13.36
CA HIS A 319 -1.46 5.48 -12.94
C HIS A 319 -1.78 5.78 -11.47
N ALA A 320 -3.05 6.11 -11.22
CA ALA A 320 -3.51 6.42 -9.86
C ALA A 320 -4.75 5.58 -9.52
N HIS A 321 -4.70 4.95 -8.34
CA HIS A 321 -5.80 4.14 -7.80
C HIS A 321 -6.42 4.91 -6.61
N PHE A 322 -7.75 5.00 -6.55
CA PHE A 322 -8.40 5.68 -5.42
C PHE A 322 -7.94 5.09 -4.07
N GLY A 323 -7.67 3.80 -4.08
CA GLY A 323 -7.22 3.08 -2.91
C GLY A 323 -5.91 3.56 -2.32
N TYR A 324 -5.11 4.28 -3.12
CA TYR A 324 -3.81 4.76 -2.66
C TYR A 324 -3.83 6.23 -2.30
N GLN A 325 -5.00 6.87 -2.38
CA GLN A 325 -5.09 8.27 -1.99
C GLN A 325 -5.13 8.39 -0.48
N ASN A 326 -4.75 9.56 0.03
CA ASN A 326 -4.87 9.85 1.46
C ASN A 326 -5.04 11.35 1.65
N PRO A 327 -6.27 11.82 1.44
CA PRO A 327 -6.50 13.25 1.55
C PRO A 327 -6.33 13.75 2.99
N PHE A 328 -6.41 12.84 3.95
CA PHE A 328 -6.11 13.20 5.33
C PHE A 328 -4.64 13.58 5.49
N GLN A 329 -3.73 12.69 5.11
CA GLN A 329 -2.31 13.00 5.18
C GLN A 329 -2.01 14.24 4.34
N GLY A 330 -2.68 14.36 3.19
CA GLY A 330 -2.52 15.53 2.35
C GLY A 330 -2.87 16.81 3.06
N TRP A 331 -4.01 16.79 3.74
CA TRP A 331 -4.48 17.93 4.52
C TRP A 331 -3.53 18.23 5.68
N VAL A 332 -2.97 17.19 6.29
CA VAL A 332 -2.00 17.37 7.37
C VAL A 332 -0.77 18.14 6.86
N SER A 333 -0.19 17.67 5.78
CA SER A 333 0.98 18.31 5.17
C SER A 333 0.66 19.73 4.71
N ALA A 334 -0.54 19.92 4.16
CA ALA A 334 -0.95 21.22 3.63
C ALA A 334 -1.24 22.26 4.68
N THR A 335 -1.81 21.84 5.81
CA THR A 335 -2.44 22.80 6.73
C THR A 335 -1.90 22.82 8.16
N GLN A 336 -1.28 21.74 8.62
CA GLN A 336 -0.88 21.66 10.02
C GLN A 336 0.50 22.19 10.25
N SER A 337 0.60 23.16 11.15
CA SER A 337 1.84 23.87 11.38
C SER A 337 3.03 22.95 11.67
N ASP A 338 2.83 21.94 12.50
CA ASP A 338 3.94 21.09 12.90
C ASP A 338 4.42 20.21 11.74
N PHE A 339 3.57 20.01 10.75
CA PHE A 339 3.89 19.16 9.61
C PHE A 339 4.23 19.98 8.37
N ALA A 340 4.39 21.28 8.54
CA ALA A 340 4.71 22.16 7.42
C ALA A 340 5.99 21.72 6.74
N PRO A 341 5.94 21.51 5.42
CA PRO A 341 7.15 21.16 4.69
C PRO A 341 8.26 22.19 4.88
N LYS A 342 9.50 21.70 4.99
CA LYS A 342 10.66 22.58 5.11
C LYS A 342 11.02 23.22 3.76
N SER A 343 10.61 22.58 2.68
CA SER A 343 10.88 23.10 1.33
C SER A 343 10.02 24.34 1.08
N SER A 344 10.34 25.10 0.04
N SER A 344 10.35 25.10 0.05
CA SER A 344 9.64 26.34 -0.22
CA SER A 344 9.65 26.34 -0.23
C SER A 344 8.26 26.16 -0.85
C SER A 344 8.24 26.13 -0.80
N ASN A 345 8.05 25.05 -1.57
CA ASN A 345 6.80 24.86 -2.31
C ASN A 345 5.96 23.68 -1.85
N GLY A 346 6.41 22.96 -0.83
CA GLY A 346 5.69 21.78 -0.37
C GLY A 346 4.27 22.04 0.12
N LYS A 347 4.09 23.13 0.85
CA LYS A 347 2.78 23.49 1.40
C LYS A 347 1.78 23.76 0.28
N ARG A 348 2.20 24.55 -0.71
CA ARG A 348 1.36 24.84 -1.87
C ARG A 348 0.97 23.57 -2.62
N ASP A 349 1.97 22.76 -2.93
CA ASP A 349 1.73 21.55 -3.70
C ASP A 349 0.75 20.63 -2.97
N TRP A 350 0.92 20.48 -1.67
CA TRP A 350 0.04 19.63 -0.88
C TRP A 350 -1.39 20.18 -0.76
N THR A 351 -1.50 21.50 -0.75
CA THR A 351 -2.83 22.11 -0.74
C THR A 351 -3.56 21.76 -2.03
N THR A 352 -2.88 21.92 -3.16
CA THR A 352 -3.45 21.54 -4.45
C THR A 352 -3.79 20.04 -4.47
N SER A 353 -2.90 19.23 -3.94
CA SER A 353 -3.06 17.78 -4.02
C SER A 353 -4.23 17.24 -3.19
N TYR A 354 -4.36 17.67 -1.95
CA TYR A 354 -5.40 17.03 -1.12
C TYR A 354 -6.78 17.39 -1.67
N LYS A 355 -6.95 18.61 -2.18
CA LYS A 355 -8.20 19.00 -2.82
C LYS A 355 -8.46 18.20 -4.11
N ARG A 356 -7.43 17.98 -4.91
CA ARG A 356 -7.59 17.19 -6.13
C ARG A 356 -7.97 15.75 -5.79
N GLN A 357 -7.33 15.18 -4.76
CA GLN A 357 -7.67 13.84 -4.30
C GLN A 357 -9.15 13.74 -3.91
N LEU A 358 -9.66 14.75 -3.23
CA LEU A 358 -11.07 14.72 -2.81
C LEU A 358 -11.98 14.75 -4.05
N GLU A 359 -11.63 15.53 -5.06
CA GLU A 359 -12.39 15.50 -6.32
C GLU A 359 -12.35 14.12 -6.98
N PHE A 360 -11.19 13.48 -6.94
CA PHE A 360 -10.98 12.14 -7.51
C PHE A 360 -11.96 11.12 -6.92
N TYR A 361 -12.08 11.07 -5.60
CA TYR A 361 -13.05 10.15 -4.97
C TYR A 361 -14.48 10.42 -5.47
N GLN A 362 -14.83 11.69 -5.58
CA GLN A 362 -16.17 12.07 -6.02
C GLN A 362 -16.45 11.66 -7.44
N TRP A 363 -15.49 11.94 -8.32
CA TRP A 363 -15.59 11.54 -9.71
C TRP A 363 -15.78 10.03 -9.89
N LEU A 364 -15.12 9.26 -9.03
CA LEU A 364 -15.13 7.81 -9.13
C LEU A 364 -16.31 7.17 -8.41
N GLN A 365 -17.20 7.95 -7.80
CA GLN A 365 -18.26 7.32 -7.00
C GLN A 365 -19.34 6.75 -7.89
N SER A 366 -19.55 5.44 -7.79
CA SER A 366 -20.55 4.76 -8.59
C SER A 366 -21.95 5.18 -8.22
N ALA A 367 -22.91 4.81 -9.07
CA ALA A 367 -24.33 5.07 -8.83
C ALA A 367 -24.76 4.52 -7.47
N GLU A 368 -24.19 3.39 -7.08
CA GLU A 368 -24.56 2.74 -5.81
C GLU A 368 -23.85 3.40 -4.61
N GLY A 369 -22.59 3.79 -4.78
CA GLY A 369 -21.85 4.52 -3.75
C GLY A 369 -20.40 4.05 -3.55
N ALA A 370 -20.07 2.85 -4.01
CA ALA A 370 -18.69 2.36 -3.96
C ALA A 370 -17.80 3.19 -4.87
N ILE A 371 -16.52 3.28 -4.53
CA ILE A 371 -15.57 4.09 -5.30
C ILE A 371 -14.89 3.21 -6.37
N ALA A 372 -14.98 3.65 -7.63
CA ALA A 372 -14.37 2.93 -8.73
C ALA A 372 -12.84 3.17 -8.79
N GLY A 373 -12.19 2.53 -9.75
CA GLY A 373 -10.76 2.26 -9.64
C GLY A 373 -9.81 3.47 -9.66
N GLY A 374 -9.82 4.20 -10.76
CA GLY A 374 -8.90 5.31 -10.87
C GLY A 374 -8.74 5.79 -12.29
N ALA A 375 -7.53 6.23 -12.62
CA ALA A 375 -7.27 6.86 -13.90
C ALA A 375 -5.80 6.73 -14.28
N THR A 376 -5.51 7.02 -15.55
CA THR A 376 -4.16 6.95 -16.06
C THR A 376 -3.89 8.10 -17.02
N ASN A 377 -2.65 8.58 -17.02
CA ASN A 377 -2.16 9.48 -18.04
C ASN A 377 -1.38 8.75 -19.12
N SER A 378 -1.30 7.43 -19.00
CA SER A 378 -0.56 6.64 -19.98
C SER A 378 -1.37 5.41 -20.35
N TRP A 379 -2.21 5.55 -21.37
CA TRP A 379 -3.08 4.47 -21.80
C TRP A 379 -2.21 3.30 -22.28
N ASN A 380 -2.51 2.13 -21.73
CA ASN A 380 -1.74 0.91 -21.96
C ASN A 380 -0.26 1.02 -21.56
N GLY A 381 0.08 2.03 -20.76
CA GLY A 381 1.43 2.21 -20.28
C GLY A 381 2.39 2.66 -21.37
N ARG A 382 1.83 3.16 -22.48
CA ARG A 382 2.62 3.55 -23.64
C ARG A 382 2.15 4.89 -24.23
N TYR A 383 1.44 5.67 -23.41
CA TYR A 383 0.92 6.98 -23.83
C TYR A 383 0.12 6.89 -25.12
N GLU A 384 -0.74 5.88 -25.21
CA GLU A 384 -1.56 5.68 -26.39
C GLU A 384 -2.78 6.59 -26.37
N LYS A 385 -3.46 6.68 -27.52
CA LYS A 385 -4.66 7.50 -27.60
C LYS A 385 -5.78 6.82 -26.81
N TYR A 386 -6.54 7.61 -26.07
CA TYR A 386 -7.68 7.04 -25.37
C TYR A 386 -8.68 6.48 -26.38
N PRO A 387 -9.29 5.33 -26.07
CA PRO A 387 -10.36 4.83 -26.94
C PRO A 387 -11.52 5.81 -27.05
N ALA A 388 -12.29 5.71 -28.13
CA ALA A 388 -13.46 6.56 -28.30
C ALA A 388 -14.42 6.40 -27.12
N GLY A 389 -14.93 7.51 -26.62
CA GLY A 389 -15.91 7.50 -25.54
C GLY A 389 -15.32 7.43 -24.14
N THR A 390 -14.00 7.52 -24.02
CA THR A 390 -13.34 7.42 -22.73
C THR A 390 -13.63 8.62 -21.85
N SER A 391 -14.11 8.37 -20.64
CA SER A 391 -14.34 9.42 -19.66
C SER A 391 -13.03 9.85 -19.01
N THR A 392 -12.94 11.13 -18.69
CA THR A 392 -11.69 11.70 -18.21
C THR A 392 -11.82 12.59 -16.96
N PHE A 393 -10.68 12.72 -16.28
CA PHE A 393 -10.54 13.54 -15.07
C PHE A 393 -9.26 14.34 -15.23
N TYR A 394 -9.40 15.66 -15.39
CA TYR A 394 -8.27 16.54 -15.66
C TYR A 394 -7.35 15.97 -16.76
N GLY A 395 -7.95 15.36 -17.77
CA GLY A 395 -7.21 14.84 -18.92
C GLY A 395 -6.73 13.40 -18.79
N MET A 396 -6.88 12.81 -17.59
CA MET A 396 -6.54 11.42 -17.36
C MET A 396 -7.74 10.54 -17.67
N ALA A 397 -7.47 9.38 -18.26
CA ALA A 397 -8.52 8.44 -18.65
C ALA A 397 -8.94 7.54 -17.49
N TYR A 398 -10.25 7.38 -17.33
CA TYR A 398 -10.76 6.38 -16.40
C TYR A 398 -10.27 4.99 -16.72
N VAL A 399 -9.83 4.28 -15.70
CA VAL A 399 -9.58 2.84 -15.81
C VAL A 399 -10.17 2.11 -14.61
N PRO A 400 -10.87 1.00 -14.86
CA PRO A 400 -11.50 0.31 -13.73
C PRO A 400 -10.50 -0.40 -12.81
N HIS A 401 -9.36 -0.83 -13.35
CA HIS A 401 -8.36 -1.58 -12.59
C HIS A 401 -6.97 -1.03 -12.84
N PRO A 402 -6.67 0.12 -12.19
CA PRO A 402 -5.35 0.71 -12.39
C PRO A 402 -4.21 -0.25 -12.06
N VAL A 403 -3.15 -0.22 -12.87
CA VAL A 403 -1.88 -0.87 -12.57
C VAL A 403 -1.80 -2.37 -12.81
N TYR A 404 -2.71 -3.14 -12.24
N TYR A 404 -2.74 -3.13 -12.24
CA TYR A 404 -2.64 -4.60 -12.37
CA TYR A 404 -2.69 -4.59 -12.26
C TYR A 404 -3.99 -5.26 -12.56
C TYR A 404 -4.02 -5.20 -12.69
N ALA A 405 -3.95 -6.36 -13.34
CA ALA A 405 -5.13 -7.04 -13.86
C ALA A 405 -5.27 -8.50 -13.42
N ASP A 406 -4.27 -9.07 -12.76
CA ASP A 406 -4.30 -10.47 -12.29
C ASP A 406 -4.05 -10.57 -10.78
N PRO A 407 -5.09 -10.33 -9.96
CA PRO A 407 -6.47 -10.00 -10.31
C PRO A 407 -6.62 -8.52 -10.59
N GLY A 408 -7.81 -8.10 -11.04
CA GLY A 408 -8.09 -6.68 -11.22
C GLY A 408 -7.90 -5.92 -9.92
N SER A 409 -7.14 -4.82 -9.97
CA SER A 409 -6.72 -4.12 -8.77
C SER A 409 -7.87 -3.49 -7.98
N ASN A 410 -9.04 -3.35 -8.58
CA ASN A 410 -10.20 -2.86 -7.82
C ASN A 410 -11.29 -3.92 -7.61
N GLN A 411 -10.94 -5.19 -7.78
CA GLN A 411 -11.85 -6.24 -7.34
C GLN A 411 -11.90 -6.28 -5.79
N TRP A 412 -10.76 -6.01 -5.15
CA TRP A 412 -10.65 -6.13 -3.69
C TRP A 412 -11.46 -5.07 -2.98
N PHE A 413 -12.48 -5.50 -2.26
CA PHE A 413 -13.30 -4.57 -1.48
C PHE A 413 -12.48 -3.82 -0.43
N GLY A 414 -11.38 -4.41 0.05
CA GLY A 414 -10.59 -3.79 1.10
C GLY A 414 -10.17 -2.36 0.82
N PHE A 415 -9.93 -2.01 -0.44
CA PHE A 415 -9.58 -0.62 -0.74
C PHE A 415 -10.67 0.37 -0.37
N GLN A 416 -11.93 -0.04 -0.47
CA GLN A 416 -13.03 0.81 -0.04
C GLN A 416 -12.82 1.24 1.41
N ALA A 417 -12.53 0.28 2.28
CA ALA A 417 -12.37 0.55 3.71
C ALA A 417 -11.07 1.32 3.99
N TRP A 418 -9.95 0.83 3.46
CA TRP A 418 -8.66 1.47 3.73
C TRP A 418 -8.69 2.92 3.31
N SER A 419 -9.23 3.18 2.12
CA SER A 419 -9.13 4.52 1.57
C SER A 419 -10.24 5.44 2.10
N MET A 420 -11.47 4.97 2.20
CA MET A 420 -12.52 5.85 2.72
C MET A 420 -12.33 6.12 4.20
N GLN A 421 -11.63 5.25 4.93
CA GLN A 421 -11.30 5.51 6.33
C GLN A 421 -10.54 6.84 6.46
N ARG A 422 -9.67 7.11 5.49
CA ARG A 422 -8.91 8.35 5.47
C ARG A 422 -9.80 9.54 5.20
N VAL A 423 -10.76 9.39 4.29
CA VAL A 423 -11.71 10.46 4.03
C VAL A 423 -12.54 10.73 5.30
N MET A 424 -12.86 9.70 6.08
CA MET A 424 -13.60 9.93 7.31
C MET A 424 -12.79 10.75 8.32
N GLU A 425 -11.49 10.47 8.42
CA GLU A 425 -10.65 11.22 9.34
C GLU A 425 -10.55 12.66 8.88
N TYR A 426 -10.43 12.86 7.55
CA TYR A 426 -10.46 14.22 7.00
C TYR A 426 -11.75 14.96 7.40
N TYR A 427 -12.90 14.32 7.22
CA TYR A 427 -14.19 14.94 7.59
C TYR A 427 -14.25 15.20 9.10
N LEU A 428 -13.80 14.22 9.89
CA LEU A 428 -13.77 14.40 11.34
C LEU A 428 -12.99 15.63 11.76
N GLU A 429 -11.77 15.79 11.23
CA GLU A 429 -10.91 16.89 11.66
C GLU A 429 -11.21 18.25 11.02
N THR A 430 -12.02 18.28 9.97
CA THR A 430 -12.32 19.55 9.28
C THR A 430 -13.77 19.99 9.28
N GLY A 431 -14.69 19.03 9.23
CA GLY A 431 -16.09 19.34 9.04
C GLY A 431 -16.39 19.93 7.67
N ASP A 432 -15.52 19.69 6.69
CA ASP A 432 -15.71 20.20 5.34
C ASP A 432 -16.96 19.62 4.68
N SER A 433 -17.97 20.45 4.45
CA SER A 433 -19.24 19.95 3.91
C SER A 433 -19.11 19.48 2.46
N SER A 434 -18.00 19.82 1.80
CA SER A 434 -17.83 19.48 0.39
C SER A 434 -17.76 17.97 0.17
N VAL A 435 -17.46 17.21 1.22
CA VAL A 435 -17.34 15.76 1.10
C VAL A 435 -18.49 15.03 1.79
N LYS A 436 -19.47 15.78 2.28
CA LYS A 436 -20.57 15.15 3.01
C LYS A 436 -21.39 14.21 2.12
N ASN A 437 -21.69 14.63 0.90
CA ASN A 437 -22.50 13.78 0.02
C ASN A 437 -21.76 12.50 -0.31
N LEU A 438 -20.49 12.64 -0.66
CA LEU A 438 -19.60 11.50 -0.94
C LEU A 438 -19.63 10.47 0.19
N ILE A 439 -19.38 10.94 1.40
CA ILE A 439 -19.27 10.11 2.59
CA ILE A 439 -19.24 10.02 2.53
C ILE A 439 -20.59 9.40 2.92
N LYS A 440 -21.66 10.18 2.88
CA LYS A 440 -22.98 9.65 3.25
C LYS A 440 -23.43 8.59 2.25
N LYS A 441 -23.23 8.86 0.97
CA LYS A 441 -23.62 7.91 -0.06
C LYS A 441 -22.82 6.62 0.08
N TRP A 442 -21.52 6.74 0.39
CA TRP A 442 -20.69 5.56 0.60
C TRP A 442 -21.08 4.77 1.85
N VAL A 443 -21.38 5.48 2.94
CA VAL A 443 -21.79 4.81 4.17
C VAL A 443 -23.09 4.03 3.99
N ASP A 444 -24.09 4.66 3.39
CA ASP A 444 -25.38 4.02 3.20
C ASP A 444 -25.18 2.80 2.31
N TRP A 445 -24.27 2.91 1.33
CA TRP A 445 -24.00 1.79 0.43
C TRP A 445 -23.36 0.64 1.21
N VAL A 446 -22.28 0.94 1.92
CA VAL A 446 -21.52 -0.13 2.54
C VAL A 446 -22.34 -0.82 3.62
N MET A 447 -23.13 -0.04 4.35
CA MET A 447 -24.05 -0.55 5.37
CA MET A 447 -23.91 -0.65 5.41
C MET A 447 -25.03 -1.57 4.84
N SER A 448 -25.47 -1.31 3.61
CA SER A 448 -26.45 -2.19 2.96
C SER A 448 -25.83 -3.51 2.56
N GLU A 449 -24.51 -3.58 2.57
CA GLU A 449 -23.78 -4.78 2.13
C GLU A 449 -23.13 -5.56 3.27
N ILE A 450 -23.26 -5.09 4.50
CA ILE A 450 -22.75 -5.81 5.66
C ILE A 450 -23.87 -6.73 6.15
N LYS A 451 -23.54 -7.98 6.41
CA LYS A 451 -24.49 -8.95 6.92
C LYS A 451 -24.14 -9.29 8.37
N LEU A 452 -25.11 -9.09 9.26
CA LEU A 452 -24.98 -9.51 10.64
C LEU A 452 -25.96 -10.67 10.86
N TYR A 453 -25.43 -11.82 11.23
CA TYR A 453 -26.23 -13.03 11.36
C TYR A 453 -26.67 -13.25 12.80
N ASP A 454 -27.85 -13.84 12.97
CA ASP A 454 -28.40 -14.05 14.30
C ASP A 454 -27.51 -14.95 15.15
N ASP A 455 -26.71 -15.79 14.49
CA ASP A 455 -25.81 -16.69 15.20
C ASP A 455 -24.52 -15.98 15.68
N GLY A 456 -24.43 -14.68 15.45
CA GLY A 456 -23.30 -13.90 15.95
C GLY A 456 -22.16 -13.75 14.97
N THR A 457 -22.30 -14.36 13.80
CA THR A 457 -21.27 -14.21 12.76
C THR A 457 -21.58 -13.00 11.90
N PHE A 458 -20.70 -12.72 10.93
CA PHE A 458 -20.87 -11.58 10.05
C PHE A 458 -20.31 -11.93 8.68
N ALA A 459 -20.71 -11.15 7.69
CA ALA A 459 -20.03 -11.15 6.40
C ALA A 459 -19.99 -9.74 5.86
N ILE A 460 -18.90 -9.46 5.14
CA ILE A 460 -18.73 -8.17 4.48
C ILE A 460 -18.36 -8.47 3.03
N PRO A 461 -18.53 -7.50 2.13
CA PRO A 461 -18.08 -7.75 0.75
C PRO A 461 -16.60 -8.10 0.68
N SER A 462 -16.29 -9.00 -0.25
N SER A 462 -16.26 -9.01 -0.23
CA SER A 462 -14.92 -9.45 -0.48
CA SER A 462 -14.85 -9.34 -0.46
C SER A 462 -14.44 -8.99 -1.85
C SER A 462 -14.43 -8.96 -1.87
N ASP A 463 -15.23 -9.33 -2.86
CA ASP A 463 -14.91 -9.07 -4.28
C ASP A 463 -15.97 -8.20 -4.92
N LEU A 464 -15.51 -7.25 -5.74
CA LEU A 464 -16.35 -6.32 -6.46
C LEU A 464 -16.17 -6.47 -7.97
N GLU A 465 -17.24 -6.21 -8.71
CA GLU A 465 -17.24 -6.21 -10.16
C GLU A 465 -17.81 -4.87 -10.65
N TRP A 466 -17.23 -4.36 -11.72
CA TRP A 466 -17.51 -2.99 -12.18
C TRP A 466 -17.98 -2.98 -13.62
N SER A 467 -18.89 -2.06 -13.91
CA SER A 467 -19.28 -1.83 -15.28
C SER A 467 -19.47 -0.33 -15.53
N GLY A 468 -19.33 0.07 -16.78
CA GLY A 468 -19.56 1.44 -17.18
C GLY A 468 -18.42 2.37 -16.84
N GLN A 469 -18.72 3.67 -16.87
CA GLN A 469 -17.73 4.71 -16.62
C GLN A 469 -18.37 5.86 -15.89
N PRO A 470 -17.59 6.57 -15.06
CA PRO A 470 -18.10 7.86 -14.57
C PRO A 470 -18.26 8.84 -15.72
N ASP A 471 -19.08 9.87 -15.53
CA ASP A 471 -19.14 10.97 -16.50
C ASP A 471 -17.84 11.76 -16.42
N THR A 472 -17.41 12.32 -17.55
CA THR A 472 -16.23 13.17 -17.56
C THR A 472 -16.40 14.30 -16.53
N TRP A 473 -15.34 14.56 -15.78
CA TRP A 473 -15.37 15.54 -14.68
C TRP A 473 -15.35 16.97 -15.14
N THR A 474 -16.30 17.75 -14.65
CA THR A 474 -16.32 19.19 -14.87
C THR A 474 -16.47 19.93 -13.54
N GLY A 475 -16.21 19.24 -12.42
CA GLY A 475 -16.10 19.88 -11.12
C GLY A 475 -17.17 19.53 -10.12
N THR A 476 -18.24 18.90 -10.60
N THR A 476 -18.26 18.95 -10.60
CA THR A 476 -19.39 18.56 -9.78
CA THR A 476 -19.36 18.53 -9.73
C THR A 476 -19.85 17.13 -10.08
C THR A 476 -19.82 17.12 -10.07
N TYR A 477 -20.20 16.40 -9.02
CA TYR A 477 -20.67 15.03 -9.15
C TYR A 477 -22.00 15.01 -9.88
N THR A 478 -22.11 14.10 -10.84
CA THR A 478 -23.30 13.99 -11.67
C THR A 478 -24.22 12.88 -11.17
N GLY A 479 -23.74 12.08 -10.22
CA GLY A 479 -24.41 10.87 -9.82
C GLY A 479 -23.91 9.62 -10.55
N ASN A 480 -23.12 9.78 -11.61
CA ASN A 480 -22.56 8.67 -12.41
C ASN A 480 -23.54 7.52 -12.60
N PRO A 481 -24.70 7.84 -13.21
CA PRO A 481 -25.78 6.86 -13.32
C PRO A 481 -25.41 5.60 -14.09
N ASN A 482 -24.33 5.62 -14.86
CA ASN A 482 -23.95 4.45 -15.65
C ASN A 482 -22.68 3.75 -15.18
N LEU A 483 -22.17 4.16 -14.01
CA LEU A 483 -21.05 3.50 -13.34
C LEU A 483 -21.60 2.64 -12.23
N HIS A 484 -21.38 1.34 -12.31
CA HIS A 484 -22.04 0.39 -11.41
C HIS A 484 -21.05 -0.55 -10.76
N VAL A 485 -21.31 -0.84 -9.48
CA VAL A 485 -20.60 -1.89 -8.77
C VAL A 485 -21.57 -3.04 -8.48
N ARG A 486 -21.02 -4.25 -8.41
CA ARG A 486 -21.76 -5.40 -7.90
C ARG A 486 -20.84 -6.15 -6.96
N VAL A 487 -21.37 -6.58 -5.81
CA VAL A 487 -20.60 -7.43 -4.90
C VAL A 487 -20.77 -8.88 -5.37
N THR A 488 -19.66 -9.52 -5.72
CA THR A 488 -19.69 -10.86 -6.29
C THR A 488 -19.46 -11.95 -5.23
N SER A 489 -18.84 -11.58 -4.12
N SER A 489 -18.86 -11.57 -4.11
CA SER A 489 -18.64 -12.51 -3.02
CA SER A 489 -18.63 -12.50 -3.01
C SER A 489 -18.50 -11.75 -1.68
C SER A 489 -18.46 -11.76 -1.68
N TYR A 490 -18.73 -12.47 -0.58
CA TYR A 490 -18.59 -11.95 0.77
C TYR A 490 -17.64 -12.83 1.55
N GLY A 491 -17.13 -12.31 2.65
CA GLY A 491 -16.23 -13.05 3.53
C GLY A 491 -16.10 -12.40 4.90
N THR A 492 -15.07 -12.81 5.62
CA THR A 492 -14.86 -12.40 6.99
C THR A 492 -13.45 -11.88 7.19
N ASP A 493 -12.87 -11.27 6.16
CA ASP A 493 -11.51 -10.74 6.27
C ASP A 493 -11.39 -9.84 7.52
N LEU A 494 -10.50 -10.22 8.45
CA LEU A 494 -10.45 -9.58 9.75
C LEU A 494 -9.91 -8.19 9.67
N GLY A 495 -8.89 -8.00 8.85
CA GLY A 495 -8.33 -6.67 8.67
C GLY A 495 -9.27 -5.70 7.99
N VAL A 496 -9.96 -6.15 6.95
CA VAL A 496 -10.95 -5.29 6.29
C VAL A 496 -12.10 -5.00 7.26
N ALA A 497 -12.48 -5.98 8.07
CA ALA A 497 -13.55 -5.75 9.03
C ALA A 497 -13.13 -4.66 10.02
N GLY A 498 -11.88 -4.73 10.47
CA GLY A 498 -11.33 -3.69 11.34
C GLY A 498 -11.26 -2.33 10.68
N SER A 499 -10.71 -2.28 9.48
CA SER A 499 -10.61 -1.02 8.74
C SER A 499 -11.99 -0.42 8.53
N LEU A 500 -12.95 -1.26 8.15
CA LEU A 500 -14.30 -0.78 7.93
C LEU A 500 -14.92 -0.26 9.23
N ALA A 501 -14.71 -0.99 10.34
CA ALA A 501 -15.19 -0.52 11.64
C ALA A 501 -14.58 0.83 12.00
N ASN A 502 -13.29 0.97 11.74
CA ASN A 502 -12.58 2.23 11.93
C ASN A 502 -13.29 3.35 11.14
N ALA A 503 -13.50 3.13 9.85
CA ALA A 503 -14.16 4.11 9.01
C ALA A 503 -15.52 4.50 9.55
N LEU A 504 -16.30 3.51 9.97
CA LEU A 504 -17.67 3.78 10.40
C LEU A 504 -17.70 4.47 11.77
N ALA A 505 -16.78 4.10 12.66
CA ALA A 505 -16.73 4.75 13.97
C ALA A 505 -16.22 6.18 13.84
N THR A 506 -15.22 6.37 12.98
CA THR A 506 -14.68 7.70 12.72
C THR A 506 -15.77 8.58 12.11
N TYR A 507 -16.50 8.06 11.14
CA TYR A 507 -17.62 8.75 10.56
C TYR A 507 -18.66 9.09 11.64
N ALA A 508 -19.01 8.14 12.50
CA ALA A 508 -19.98 8.40 13.55
C ALA A 508 -19.51 9.55 14.44
N ALA A 509 -18.25 9.51 14.82
CA ALA A 509 -17.71 10.58 15.66
C ALA A 509 -17.83 11.92 14.95
N ALA A 510 -17.57 11.93 13.65
CA ALA A 510 -17.73 13.14 12.85
C ALA A 510 -19.17 13.61 12.80
N THR A 511 -20.14 12.71 12.69
CA THR A 511 -21.51 13.15 12.67
C THR A 511 -21.89 13.82 13.99
N GLU A 512 -21.40 13.27 15.10
CA GLU A 512 -21.65 13.87 16.41
C GLU A 512 -21.05 15.27 16.46
N ARG A 513 -19.83 15.38 15.95
CA ARG A 513 -19.12 16.66 16.02
C ARG A 513 -19.77 17.76 15.18
N TRP A 514 -20.15 17.46 13.94
CA TRP A 514 -20.50 18.48 12.94
C TRP A 514 -21.98 18.63 12.59
N GLU A 515 -22.77 17.58 12.82
CA GLU A 515 -24.09 17.49 12.20
C GLU A 515 -25.24 17.64 13.17
N GLY A 516 -24.92 17.77 14.46
CA GLY A 516 -25.97 17.95 15.44
C GLY A 516 -26.72 16.67 15.75
N LYS A 517 -26.35 15.58 15.10
CA LYS A 517 -26.85 14.28 15.50
C LYS A 517 -25.89 13.15 15.18
N LEU A 518 -25.56 12.39 16.21
CA LEU A 518 -24.77 11.16 16.06
C LEU A 518 -25.51 10.10 15.24
N ASP A 519 -24.81 9.56 14.24
CA ASP A 519 -25.27 8.37 13.52
C ASP A 519 -24.97 7.15 14.37
N THR A 520 -25.96 6.72 15.13
CA THR A 520 -25.80 5.60 16.04
C THR A 520 -25.74 4.28 15.29
N LYS A 521 -26.34 4.22 14.10
CA LYS A 521 -26.23 3.00 13.28
C LYS A 521 -24.78 2.79 12.86
N ALA A 522 -24.09 3.85 12.45
CA ALA A 522 -22.67 3.73 12.12
C ALA A 522 -21.82 3.32 13.33
N ARG A 523 -22.07 3.97 14.46
CA ARG A 523 -21.40 3.63 15.69
C ARG A 523 -21.61 2.16 16.02
N ASP A 524 -22.86 1.74 16.00
CA ASP A 524 -23.20 0.38 16.39
C ASP A 524 -22.65 -0.65 15.42
N MET A 525 -22.61 -0.33 14.14
CA MET A 525 -22.08 -1.26 13.16
C MET A 525 -20.59 -1.45 13.35
N ALA A 526 -19.89 -0.37 13.66
CA ALA A 526 -18.46 -0.45 13.96
C ALA A 526 -18.23 -1.36 15.16
N ALA A 527 -19.06 -1.19 16.19
CA ALA A 527 -18.97 -2.01 17.39
C ALA A 527 -19.23 -3.48 17.06
N GLU A 528 -20.26 -3.74 16.25
CA GLU A 528 -20.61 -5.12 15.89
C GLU A 528 -19.47 -5.80 15.12
N LEU A 529 -18.86 -5.08 14.19
CA LEU A 529 -17.77 -5.64 13.40
C LEU A 529 -16.59 -6.01 14.29
N VAL A 530 -16.20 -5.10 15.17
CA VAL A 530 -15.12 -5.38 16.08
C VAL A 530 -15.46 -6.55 16.98
N ASN A 531 -16.67 -6.54 17.56
CA ASN A 531 -17.09 -7.59 18.48
C ASN A 531 -17.09 -8.94 17.79
N ARG A 532 -17.64 -8.99 16.58
CA ARG A 532 -17.83 -10.29 15.93
C ARG A 532 -16.52 -10.80 15.33
N ALA A 533 -15.64 -9.90 14.93
CA ALA A 533 -14.30 -10.31 14.50
C ALA A 533 -13.55 -10.92 15.67
N TRP A 534 -13.55 -10.23 16.81
CA TRP A 534 -12.84 -10.70 18.00
C TRP A 534 -13.46 -11.99 18.54
N TYR A 535 -14.78 -12.03 18.63
CA TYR A 535 -15.44 -13.14 19.29
C TYR A 535 -15.33 -14.41 18.48
N ASN A 536 -15.42 -14.33 17.16
CA ASN A 536 -15.47 -15.54 16.34
C ASN A 536 -14.09 -16.00 15.86
N PHE A 537 -13.09 -15.13 15.93
CA PHE A 537 -11.75 -15.44 15.39
C PHE A 537 -10.61 -15.28 16.39
N TYR A 538 -10.95 -15.38 17.67
CA TYR A 538 -9.98 -15.35 18.73
C TYR A 538 -8.99 -16.50 18.55
N CYS A 539 -7.70 -16.19 18.65
CA CYS A 539 -6.65 -17.19 18.46
C CYS A 539 -6.49 -18.02 19.73
N SER A 540 -6.67 -19.33 19.58
CA SER A 540 -6.54 -20.27 20.69
C SER A 540 -5.11 -20.36 21.21
N GLU A 541 -4.15 -19.93 20.40
CA GLU A 541 -2.75 -19.95 20.81
C GLU A 541 -2.34 -18.64 21.49
N GLY A 542 -3.30 -17.73 21.64
CA GLY A 542 -3.09 -16.50 22.38
C GLY A 542 -2.36 -15.42 21.61
N LYS A 543 -2.39 -15.50 20.28
CA LYS A 543 -1.63 -14.60 19.44
C LYS A 543 -2.46 -13.43 18.90
N GLY A 544 -3.72 -13.31 19.33
CA GLY A 544 -4.60 -12.24 18.87
C GLY A 544 -5.84 -12.81 18.21
N VAL A 545 -5.99 -12.53 16.91
CA VAL A 545 -7.04 -13.15 16.11
C VAL A 545 -6.40 -13.91 14.98
N VAL A 546 -7.15 -14.83 14.39
CA VAL A 546 -6.56 -15.72 13.40
C VAL A 546 -7.65 -16.12 12.41
N THR A 547 -7.23 -16.31 11.15
CA THR A 547 -8.13 -16.75 10.11
C THR A 547 -8.03 -18.25 9.90
N GLU A 548 -8.97 -18.77 9.15
CA GLU A 548 -8.90 -20.14 8.65
C GLU A 548 -9.42 -20.08 7.23
N GLU A 549 -8.52 -20.26 6.28
CA GLU A 549 -8.87 -20.02 4.88
C GLU A 549 -8.40 -21.11 3.93
N ALA A 550 -9.30 -21.50 3.05
CA ALA A 550 -8.98 -22.40 1.96
C ALA A 550 -8.28 -21.54 0.92
N ARG A 551 -7.14 -22.01 0.45
CA ARG A 551 -6.33 -21.24 -0.51
C ARG A 551 -6.24 -22.02 -1.81
N ALA A 552 -7.32 -21.95 -2.59
CA ALA A 552 -7.39 -22.67 -3.85
C ALA A 552 -6.30 -22.16 -4.80
N ASP A 553 -5.90 -20.92 -4.60
CA ASP A 553 -4.87 -20.32 -5.44
C ASP A 553 -3.52 -20.98 -5.30
N TYR A 554 -3.32 -21.75 -4.24
CA TYR A 554 -2.00 -22.33 -3.99
C TYR A 554 -1.64 -23.48 -4.93
N LYS A 555 -2.56 -23.90 -5.79
CA LYS A 555 -2.18 -24.81 -6.87
C LYS A 555 -1.17 -24.09 -7.79
N ARG A 556 -1.16 -22.76 -7.76
CA ARG A 556 -0.21 -21.99 -8.56
C ARG A 556 1.25 -22.15 -8.11
N PHE A 557 1.50 -22.56 -6.86
CA PHE A 557 2.85 -22.96 -6.43
C PHE A 557 3.47 -23.91 -7.43
N PHE A 558 2.66 -24.87 -7.88
CA PHE A 558 3.15 -26.02 -8.63
C PHE A 558 2.83 -25.90 -10.10
N GLU A 559 1.77 -25.17 -10.43
CA GLU A 559 1.29 -25.10 -11.81
C GLU A 559 1.67 -23.82 -12.55
N GLN A 560 1.99 -22.74 -11.84
CA GLN A 560 2.22 -21.48 -12.54
C GLN A 560 3.57 -21.46 -13.25
N GLU A 561 3.53 -21.39 -14.58
CA GLU A 561 4.74 -21.20 -15.37
C GLU A 561 5.23 -19.77 -15.16
N VAL A 562 6.55 -19.62 -15.04
CA VAL A 562 7.17 -18.30 -14.88
C VAL A 562 7.94 -18.03 -16.16
N TYR A 563 7.65 -16.92 -16.81
CA TYR A 563 8.26 -16.59 -18.09
C TYR A 563 9.73 -16.25 -17.88
N VAL A 564 10.56 -16.84 -18.72
CA VAL A 564 11.98 -16.53 -18.83
C VAL A 564 12.28 -16.45 -20.32
N PRO A 565 12.95 -15.38 -20.77
CA PRO A 565 13.19 -15.30 -22.22
C PRO A 565 13.99 -16.51 -22.74
N ALA A 566 13.69 -16.98 -23.94
CA ALA A 566 14.48 -18.06 -24.51
C ALA A 566 15.93 -17.58 -24.63
N GLY A 567 16.88 -18.40 -24.21
CA GLY A 567 18.29 -18.06 -24.27
C GLY A 567 18.85 -17.42 -23.01
N TRP A 568 17.98 -17.09 -22.07
CA TRP A 568 18.40 -16.51 -20.79
C TRP A 568 18.59 -17.61 -19.76
N SER A 569 19.69 -17.53 -19.02
CA SER A 569 19.92 -18.44 -17.89
C SER A 569 20.62 -17.71 -16.76
N GLY A 570 20.32 -18.14 -15.54
CA GLY A 570 20.97 -17.60 -14.36
C GLY A 570 20.57 -18.47 -13.19
N THR A 571 21.00 -18.10 -11.99
CA THR A 571 20.62 -18.88 -10.81
C THR A 571 20.25 -17.96 -9.68
N MET A 572 19.37 -18.44 -8.82
CA MET A 572 19.06 -17.78 -7.55
C MET A 572 20.22 -18.06 -6.62
N PRO A 573 20.34 -17.31 -5.51
CA PRO A 573 21.44 -17.51 -4.57
C PRO A 573 21.60 -18.93 -4.04
N ASN A 574 20.48 -19.66 -3.86
CA ASN A 574 20.58 -21.03 -3.36
C ASN A 574 21.00 -22.04 -4.43
N GLY A 575 21.09 -21.57 -5.67
CA GLY A 575 21.46 -22.44 -6.78
C GLY A 575 20.34 -22.85 -7.70
N ASP A 576 19.10 -22.47 -7.39
CA ASP A 576 17.96 -22.80 -8.25
C ASP A 576 18.18 -22.22 -9.64
N LYS A 577 18.00 -23.03 -10.66
CA LYS A 577 18.24 -22.60 -12.04
C LYS A 577 17.05 -21.82 -12.55
N ILE A 578 17.33 -20.61 -13.02
CA ILE A 578 16.33 -19.76 -13.67
C ILE A 578 16.49 -19.95 -15.17
N GLN A 579 15.48 -20.55 -15.82
CA GLN A 579 15.55 -20.87 -17.23
C GLN A 579 14.13 -21.10 -17.73
N PRO A 580 13.91 -21.05 -19.06
CA PRO A 580 12.56 -21.34 -19.55
C PRO A 580 12.04 -22.66 -19.00
N GLY A 581 10.76 -22.70 -18.66
CA GLY A 581 10.12 -23.90 -18.18
C GLY A 581 9.90 -23.95 -16.68
N ILE A 582 10.49 -23.02 -15.93
CA ILE A 582 10.34 -23.03 -14.48
C ILE A 582 8.91 -22.74 -14.03
N LYS A 583 8.57 -23.31 -12.88
CA LYS A 583 7.34 -22.98 -12.18
C LYS A 583 7.68 -22.13 -10.96
N PHE A 584 6.66 -21.55 -10.33
CA PHE A 584 6.84 -20.72 -9.14
C PHE A 584 7.80 -21.36 -8.11
N ILE A 585 7.57 -22.64 -7.82
CA ILE A 585 8.33 -23.33 -6.77
C ILE A 585 9.80 -23.56 -7.17
N ASP A 586 10.05 -23.65 -8.47
CA ASP A 586 11.37 -24.03 -8.97
C ASP A 586 12.46 -23.01 -8.69
N ILE A 587 12.08 -21.76 -8.49
CA ILE A 587 13.05 -20.74 -8.11
C ILE A 587 12.90 -20.31 -6.64
N ARG A 588 12.18 -21.13 -5.89
CA ARG A 588 11.96 -20.90 -4.45
C ARG A 588 11.99 -22.26 -3.76
N THR A 589 12.99 -23.07 -4.03
CA THR A 589 12.95 -24.43 -3.52
C THR A 589 13.12 -24.54 -2.01
N LYS A 590 13.56 -23.48 -1.35
CA LYS A 590 13.57 -23.51 0.11
C LYS A 590 12.16 -23.67 0.68
N TYR A 591 11.14 -23.36 -0.13
CA TYR A 591 9.76 -23.55 0.33
C TYR A 591 9.49 -25.02 0.69
N ARG A 592 10.23 -25.96 0.10
CA ARG A 592 10.00 -27.37 0.40
C ARG A 592 10.36 -27.73 1.85
N GLN A 593 11.07 -26.84 2.53
N GLN A 593 11.08 -26.85 2.53
CA GLN A 593 11.45 -27.03 3.94
CA GLN A 593 11.43 -27.05 3.94
C GLN A 593 10.53 -26.27 4.90
C GLN A 593 10.44 -26.38 4.90
N ASP A 594 9.50 -25.62 4.35
CA ASP A 594 8.54 -24.90 5.16
C ASP A 594 7.67 -25.89 5.91
N PRO A 595 7.33 -25.58 7.18
CA PRO A 595 6.54 -26.55 7.97
C PRO A 595 5.16 -26.84 7.39
N TYR A 596 4.62 -25.95 6.56
CA TYR A 596 3.32 -26.18 5.93
C TYR A 596 3.40 -26.58 4.46
N TYR A 597 4.61 -26.84 3.96
CA TYR A 597 4.75 -27.29 2.58
C TYR A 597 4.00 -28.60 2.30
N ASP A 598 4.20 -29.60 3.15
CA ASP A 598 3.55 -30.88 2.91
C ASP A 598 2.03 -30.76 2.84
N ILE A 599 1.45 -29.95 3.74
CA ILE A 599 0.01 -29.75 3.75
C ILE A 599 -0.45 -29.15 2.41
N VAL A 600 0.30 -28.20 1.89
CA VAL A 600 -0.05 -27.54 0.64
C VAL A 600 0.16 -28.46 -0.56
N TYR A 601 1.29 -29.17 -0.58
CA TYR A 601 1.59 -30.08 -1.66
C TYR A 601 0.64 -31.29 -1.69
N GLN A 602 0.38 -31.90 -0.53
CA GLN A 602 -0.51 -33.05 -0.48
C GLN A 602 -1.92 -32.67 -0.90
N ALA A 603 -2.36 -31.48 -0.51
CA ALA A 603 -3.65 -30.97 -0.95
C ALA A 603 -3.66 -30.86 -2.47
N TYR A 604 -2.60 -30.27 -3.02
CA TYR A 604 -2.47 -30.20 -4.47
C TYR A 604 -2.58 -31.57 -5.14
N LEU A 605 -1.90 -32.58 -4.62
CA LEU A 605 -1.93 -33.90 -5.25
C LEU A 605 -3.33 -34.54 -5.23
N ARG A 606 -4.15 -34.12 -4.27
CA ARG A 606 -5.52 -34.60 -4.15
C ARG A 606 -6.51 -33.74 -4.96
N GLY A 607 -6.03 -32.65 -5.55
CA GLY A 607 -6.91 -31.75 -6.29
C GLY A 607 -7.80 -30.92 -5.39
N GLU A 608 -7.29 -30.64 -4.18
CA GLU A 608 -8.01 -29.87 -3.17
C GLU A 608 -7.29 -28.58 -2.77
N ALA A 609 -8.06 -27.57 -2.39
CA ALA A 609 -7.48 -26.38 -1.80
C ALA A 609 -7.01 -26.67 -0.38
N PRO A 610 -5.75 -26.34 -0.05
CA PRO A 610 -5.30 -26.49 1.34
C PRO A 610 -5.95 -25.43 2.23
N VAL A 611 -6.13 -25.77 3.50
CA VAL A 611 -6.69 -24.83 4.48
C VAL A 611 -5.61 -24.42 5.46
N LEU A 612 -5.42 -23.11 5.59
CA LEU A 612 -4.35 -22.55 6.40
C LEU A 612 -4.87 -21.50 7.37
N ASN A 613 -4.18 -21.38 8.50
CA ASN A 613 -4.43 -20.34 9.49
C ASN A 613 -3.38 -19.27 9.39
N TYR A 614 -3.83 -18.00 9.39
CA TYR A 614 -2.93 -16.88 9.30
C TYR A 614 -3.14 -15.78 10.34
N HIS A 615 -2.01 -15.27 10.82
CA HIS A 615 -1.96 -14.05 11.64
C HIS A 615 -1.18 -12.96 10.86
N ARG A 616 -1.86 -12.24 9.98
CA ARG A 616 -1.24 -11.13 9.25
C ARG A 616 -1.11 -9.94 10.17
N PHE A 617 0.07 -9.30 10.14
CA PHE A 617 0.31 -8.14 10.99
C PHE A 617 -0.76 -7.09 10.76
N TRP A 618 -1.07 -6.79 9.51
CA TRP A 618 -2.03 -5.73 9.22
C TRP A 618 -3.46 -6.07 9.64
N HIS A 619 -3.81 -7.36 9.62
CA HIS A 619 -5.09 -7.79 10.18
C HIS A 619 -5.18 -7.45 11.66
N GLU A 620 -4.17 -7.84 12.42
CA GLU A 620 -4.16 -7.59 13.86
C GLU A 620 -4.23 -6.08 14.12
N VAL A 621 -3.47 -5.32 13.35
CA VAL A 621 -3.41 -3.88 13.63
C VAL A 621 -4.69 -3.15 13.21
N ASP A 622 -5.21 -3.41 12.02
CA ASP A 622 -6.46 -2.77 11.62
C ASP A 622 -7.59 -3.04 12.64
N LEU A 623 -7.64 -4.25 13.20
CA LEU A 623 -8.65 -4.55 14.21
C LEU A 623 -8.35 -3.78 15.49
N ALA A 624 -7.10 -3.79 15.93
CA ALA A 624 -6.73 -3.10 17.16
C ALA A 624 -7.02 -1.60 17.04
N VAL A 625 -6.61 -0.99 15.93
CA VAL A 625 -6.80 0.46 15.82
C VAL A 625 -8.31 0.76 15.85
N ALA A 626 -9.14 -0.08 15.26
CA ALA A 626 -10.61 0.09 15.31
C ALA A 626 -11.12 0.06 16.74
N MET A 627 -10.61 -0.88 17.54
CA MET A 627 -10.94 -0.92 18.96
C MET A 627 -10.55 0.39 19.63
N GLY A 628 -9.37 0.88 19.29
CA GLY A 628 -8.88 2.15 19.82
C GLY A 628 -9.73 3.36 19.44
N VAL A 629 -10.18 3.39 18.18
CA VAL A 629 -11.04 4.49 17.73
C VAL A 629 -12.36 4.49 18.50
N LEU A 630 -12.95 3.33 18.67
CA LEU A 630 -14.13 3.20 19.52
C LEU A 630 -13.88 3.68 20.94
N ALA A 631 -12.77 3.25 21.51
CA ALA A 631 -12.40 3.64 22.86
C ALA A 631 -12.23 5.15 22.97
N THR A 632 -11.70 5.75 21.92
CA THR A 632 -11.40 7.19 21.90
C THR A 632 -12.67 8.05 21.83
N TYR A 633 -13.59 7.70 20.92
CA TYR A 633 -14.76 8.54 20.66
C TYR A 633 -16.01 8.06 21.34
N PHE A 634 -16.02 6.80 21.76
CA PHE A 634 -17.20 6.21 22.38
C PHE A 634 -16.78 5.37 23.59
N PRO A 635 -16.10 6.01 24.56
CA PRO A 635 -15.74 5.27 25.77
C PRO A 635 -17.02 4.86 26.50
N ASP A 636 -17.02 3.70 27.16
CA ASP A 636 -18.24 3.13 27.75
C ASP A 636 -19.45 3.19 26.80
O19 33O B . 23.17 5.97 -17.98
C39 33O B . 22.67 4.65 -18.13
C40 33O B . 21.41 4.52 -17.32
O20 33O B . 20.58 3.49 -17.85
C41 33O B . 20.07 2.63 -16.84
C42 33O B . 18.53 2.60 -16.93
O21 33O B . 17.97 2.56 -15.64
C43 33O B . 16.61 2.19 -15.64
C44 33O B . 15.72 3.30 -15.10
O22 33O B . 14.36 3.13 -15.62
C45 33O B . 13.88 1.76 -15.56
C46 33O B . 12.41 1.63 -16.02
O23 33O B . 11.77 0.66 -15.21
C47 33O B . 10.33 0.75 -15.09
C48 33O B . 9.98 0.55 -13.59
O24 33O B . 8.58 0.20 -13.39
C49 33O B . 8.32 -1.03 -12.70
C50 33O B . 7.87 -0.81 -11.22
O25 33O B . 7.86 -2.11 -10.57
C51 33O B . 7.93 -2.07 -9.12
C52 33O B . 6.48 -1.68 -8.59
O26 33O B . 6.32 -2.01 -7.21
C53 33O B . 4.95 -1.95 -6.80
C54 33O B . 4.46 -3.32 -6.40
O27 33O B . 3.05 -3.38 -6.57
C55 33O B . 2.46 -4.56 -6.09
C56 33O B . 1.82 -4.27 -4.71
O28 33O B . 0.35 -4.46 -4.82
C57 33O B . -0.28 -4.87 -3.57
C58 33O B . -1.79 -4.60 -3.65
O29 33O B . -2.21 -4.21 -2.36
C59 33O B . -3.28 -4.98 -1.85
C60 33O B . -2.89 -5.49 -0.43
O30 33O B . -4.05 -6.06 0.20
C61 33O B . -3.85 -7.40 0.71
C62 33O B . -5.01 -8.27 0.18
O31 33O B . -5.13 -9.46 0.95
C63 33O B . -5.90 -10.43 0.31
C64 33O B . -6.04 -11.66 1.20
O32 33O B . -7.16 -12.39 0.77
#